data_1CPB
# 
_entry.id   1CPB 
# 
_audit_conform.dict_name       mmcif_pdbx.dic 
_audit_conform.dict_version    5.385 
_audit_conform.dict_location   http://mmcif.pdb.org/dictionaries/ascii/mmcif_pdbx.dic 
# 
loop_
_database_2.database_id 
_database_2.database_code 
_database_2.pdbx_database_accession 
_database_2.pdbx_DOI 
PDB   1CPB         pdb_00001cpb 10.2210/pdb1cpb/pdb 
WWPDB D_1000172450 ?            ?                   
# 
loop_
_pdbx_audit_revision_history.ordinal 
_pdbx_audit_revision_history.data_content_type 
_pdbx_audit_revision_history.major_revision 
_pdbx_audit_revision_history.minor_revision 
_pdbx_audit_revision_history.revision_date 
1 'Structure model' 1 0 1977-11-14 
2 'Structure model' 1 1 2008-03-24 
3 'Structure model' 1 2 2011-07-13 
4 'Structure model' 1 3 2024-02-07 
# 
_pdbx_audit_revision_details.ordinal             1 
_pdbx_audit_revision_details.revision_ordinal    1 
_pdbx_audit_revision_details.data_content_type   'Structure model' 
_pdbx_audit_revision_details.provider            repository 
_pdbx_audit_revision_details.type                'Initial release' 
_pdbx_audit_revision_details.description         ? 
_pdbx_audit_revision_details.details             ? 
# 
loop_
_pdbx_audit_revision_group.ordinal 
_pdbx_audit_revision_group.revision_ordinal 
_pdbx_audit_revision_group.data_content_type 
_pdbx_audit_revision_group.group 
1 2 'Structure model' 'Version format compliance' 
2 3 'Structure model' 'Version format compliance' 
3 4 'Structure model' 'Data collection'           
4 4 'Structure model' 'Database references'       
5 4 'Structure model' Other                       
# 
loop_
_pdbx_audit_revision_category.ordinal 
_pdbx_audit_revision_category.revision_ordinal 
_pdbx_audit_revision_category.data_content_type 
_pdbx_audit_revision_category.category 
1 4 'Structure model' chem_comp_atom       
2 4 'Structure model' chem_comp_bond       
3 4 'Structure model' database_2           
4 4 'Structure model' pdbx_database_status 
# 
loop_
_pdbx_audit_revision_item.ordinal 
_pdbx_audit_revision_item.revision_ordinal 
_pdbx_audit_revision_item.data_content_type 
_pdbx_audit_revision_item.item 
1 4 'Structure model' '_database_2.pdbx_DOI'                
2 4 'Structure model' '_database_2.pdbx_database_accession' 
3 4 'Structure model' '_pdbx_database_status.process_site'  
# 
_pdbx_database_status.status_code                     REL 
_pdbx_database_status.entry_id                        1CPB 
_pdbx_database_status.recvd_initial_deposition_date   1976-06-23 
_pdbx_database_status.deposit_site                    ? 
_pdbx_database_status.process_site                    BNL 
_pdbx_database_status.SG_entry                        . 
_pdbx_database_status.pdb_format_compatible           Y 
_pdbx_database_status.status_code_mr                  ? 
_pdbx_database_status.status_code_sf                  ? 
_pdbx_database_status.status_code_cs                  ? 
_pdbx_database_status.status_code_nmr_data            ? 
_pdbx_database_status.methods_development_category    ? 
# 
loop_
_audit_author.name 
_audit_author.pdbx_ordinal 
'Schmid, M.F.'   1 
'Herriott, J.R.' 2 
# 
loop_
_citation.id 
_citation.title 
_citation.journal_abbrev 
_citation.journal_volume 
_citation.page_first 
_citation.page_last 
_citation.year 
_citation.journal_id_ASTM 
_citation.country 
_citation.journal_id_ISSN 
_citation.journal_id_CSD 
_citation.book_publisher 
_citation.pdbx_database_id_PubMed 
_citation.pdbx_database_id_DOI 
primary 'Structure of carboxypeptidase B at 2-8 A resolution.'                          J.Mol.Biol. 103 175 190 1976 JMOBAK UK 
0022-2836     0070 ?                                                            957425 '10.1016/0022-2836(76)90058-9' 
1       'The Structure of Bovine Carboxypeptidase B,Results at 5.5 Angstrom Resolution' J.Mol.Biol. 84  97  ?   1974 JMOBAK UK 
0022-2836     0070 ?                                                            ?      ?                              
2       ?                                                                               
'Atlas of Macromolecular Structure on Microfiche'      ?   296 ?   1976 ?      ?  0-917934-01-6 0434 
'Tracor Jitco,Inc.,Rockville,Md.'                            ?      ?                              
3       ?                                                                               
'Atlas of Protein Sequence and Structure,Supplement 1' 5   30  ?   1973 ?      ?  0-912466-04-9 435  
'National Biomedical Research Foundation, Silver Spring,Md.' ?      ?                              
# 
loop_
_citation_author.citation_id 
_citation_author.name 
_citation_author.ordinal 
_citation_author.identifier_ORCID 
primary 'Schmid, M.F.'   1 ? 
primary 'Herriott, J.R.' 2 ? 
1       'Schmid, M.F.'   3 ? 
1       'Herriott, J.R.' 4 ? 
1       'Lattman, E.E.'  5 ? 
2       'Feldmann, R.J.' 6 ? 
3       'Dayhoff, M.O.'  7 ? 
# 
loop_
_entity.id 
_entity.type 
_entity.src_method 
_entity.pdbx_description 
_entity.formula_weight 
_entity.pdbx_number_of_molecules 
_entity.pdbx_ec 
_entity.pdbx_mutation 
_entity.pdbx_fragment 
_entity.details 
1 polymer man 'CARBOXYPEPTIDASE B' 9353.436  1 3.4.17.2 ? ? ? 
2 polymer man 'CARBOXYPEPTIDASE B' 24507.484 1 3.4.17.2 ? ? ? 
# 
loop_
_entity_poly.entity_id 
_entity_poly.type 
_entity_poly.nstd_linkage 
_entity_poly.nstd_monomer 
_entity_poly.pdbx_seq_one_letter_code 
_entity_poly.pdbx_seq_one_letter_code_can 
_entity_poly.pdbx_strand_id 
_entity_poly.pdbx_target_identifier 
1 'polypeptide(L)' no no 
;TTGHSYEKYNNWETIEAWTEQVASENPDLISRSAIGTTFLGNTIYLLKVGKPGSNKPAVFMDCGFHAREWISPAFCQWFV
RE
;
;TTGHSYEKYNNWETIEAWTEQVASENPDLISRSAIGTTFLGNTIYLLKVGKPGSNKPAVFMDCGFHAREWISPAFCQWFV
RE
;
A ? 
2 'polypeptide(L)' no no 
;EIHMTEFLDKLDFYVLPVVNIDGYIYTWTTNRMWRKTRSTRAGSSCTGTDLNRNFDAGWCSIGASNNPCSETYCGSAAES
EKESKAVADFIRNHLSSIKAYLTIHSYSQMMLYPYSYDYKLPKNNVELNTLAKGAVKKLASLHGTTYSYGPGATTIYPAS
GGSDDWAYDQGIKYSFTFELRDKGRYGFVLPESQIQPTCEETMLAIKYVTSYVLEHL
;
;EIHMTEFLDKLDFYVLPVVNIDGYIYTWTTNRMWRKTRSTRAGSSCTGTDLNRNFDAGWCSIGASNNPCSETYCGSAAES
EKESKAVADFIRNHLSSIKAYLTIHSYSQMMLYPYSYDYKLPKNNVELNTLAKGAVKKLASLHGTTYSYGPGATTIYPAS
GGSDDWAYDQGIKYSFTFELRDKGRYGFVLPESQIQPTCEETMLAIKYVTSYVLEHL
;
B ? 
# 
loop_
_entity_poly_seq.entity_id 
_entity_poly_seq.num 
_entity_poly_seq.mon_id 
_entity_poly_seq.hetero 
1 1   THR n 
1 2   THR n 
1 3   GLY n 
1 4   HIS n 
1 5   SER n 
1 6   TYR n 
1 7   GLU n 
1 8   LYS n 
1 9   TYR n 
1 10  ASN n 
1 11  ASN n 
1 12  TRP n 
1 13  GLU n 
1 14  THR n 
1 15  ILE n 
1 16  GLU n 
1 17  ALA n 
1 18  TRP n 
1 19  THR n 
1 20  GLU n 
1 21  GLN n 
1 22  VAL n 
1 23  ALA n 
1 24  SER n 
1 25  GLU n 
1 26  ASN n 
1 27  PRO n 
1 28  ASP n 
1 29  LEU n 
1 30  ILE n 
1 31  SER n 
1 32  ARG n 
1 33  SER n 
1 34  ALA n 
1 35  ILE n 
1 36  GLY n 
1 37  THR n 
1 38  THR n 
1 39  PHE n 
1 40  LEU n 
1 41  GLY n 
1 42  ASN n 
1 43  THR n 
1 44  ILE n 
1 45  TYR n 
1 46  LEU n 
1 47  LEU n 
1 48  LYS n 
1 49  VAL n 
1 50  GLY n 
1 51  LYS n 
1 52  PRO n 
1 53  GLY n 
1 54  SER n 
1 55  ASN n 
1 56  LYS n 
1 57  PRO n 
1 58  ALA n 
1 59  VAL n 
1 60  PHE n 
1 61  MET n 
1 62  ASP n 
1 63  CYS n 
1 64  GLY n 
1 65  PHE n 
1 66  HIS n 
1 67  ALA n 
1 68  ARG n 
1 69  GLU n 
1 70  TRP n 
1 71  ILE n 
1 72  SER n 
1 73  PRO n 
1 74  ALA n 
1 75  PHE n 
1 76  CYS n 
1 77  GLN n 
1 78  TRP n 
1 79  PHE n 
1 80  VAL n 
1 81  ARG n 
1 82  GLU n 
2 1   GLU n 
2 2   ILE n 
2 3   HIS n 
2 4   MET n 
2 5   THR n 
2 6   GLU n 
2 7   PHE n 
2 8   LEU n 
2 9   ASP n 
2 10  LYS n 
2 11  LEU n 
2 12  ASP n 
2 13  PHE n 
2 14  TYR n 
2 15  VAL n 
2 16  LEU n 
2 17  PRO n 
2 18  VAL n 
2 19  VAL n 
2 20  ASN n 
2 21  ILE n 
2 22  ASP n 
2 23  GLY n 
2 24  TYR n 
2 25  ILE n 
2 26  TYR n 
2 27  THR n 
2 28  TRP n 
2 29  THR n 
2 30  THR n 
2 31  ASN n 
2 32  ARG n 
2 33  MET n 
2 34  TRP n 
2 35  ARG n 
2 36  LYS n 
2 37  THR n 
2 38  ARG n 
2 39  SER n 
2 40  THR n 
2 41  ARG n 
2 42  ALA n 
2 43  GLY n 
2 44  SER n 
2 45  SER n 
2 46  CYS n 
2 47  THR n 
2 48  GLY n 
2 49  THR n 
2 50  ASP n 
2 51  LEU n 
2 52  ASN n 
2 53  ARG n 
2 54  ASN n 
2 55  PHE n 
2 56  ASP n 
2 57  ALA n 
2 58  GLY n 
2 59  TRP n 
2 60  CYS n 
2 61  SER n 
2 62  ILE n 
2 63  GLY n 
2 64  ALA n 
2 65  SER n 
2 66  ASN n 
2 67  ASN n 
2 68  PRO n 
2 69  CYS n 
2 70  SER n 
2 71  GLU n 
2 72  THR n 
2 73  TYR n 
2 74  CYS n 
2 75  GLY n 
2 76  SER n 
2 77  ALA n 
2 78  ALA n 
2 79  GLU n 
2 80  SER n 
2 81  GLU n 
2 82  LYS n 
2 83  GLU n 
2 84  SER n 
2 85  LYS n 
2 86  ALA n 
2 87  VAL n 
2 88  ALA n 
2 89  ASP n 
2 90  PHE n 
2 91  ILE n 
2 92  ARG n 
2 93  ASN n 
2 94  HIS n 
2 95  LEU n 
2 96  SER n 
2 97  SER n 
2 98  ILE n 
2 99  LYS n 
2 100 ALA n 
2 101 TYR n 
2 102 LEU n 
2 103 THR n 
2 104 ILE n 
2 105 HIS n 
2 106 SER n 
2 107 TYR n 
2 108 SER n 
2 109 GLN n 
2 110 MET n 
2 111 MET n 
2 112 LEU n 
2 113 TYR n 
2 114 PRO n 
2 115 TYR n 
2 116 SER n 
2 117 TYR n 
2 118 ASP n 
2 119 TYR n 
2 120 LYS n 
2 121 LEU n 
2 122 PRO n 
2 123 LYS n 
2 124 ASN n 
2 125 ASN n 
2 126 VAL n 
2 127 GLU n 
2 128 LEU n 
2 129 ASN n 
2 130 THR n 
2 131 LEU n 
2 132 ALA n 
2 133 LYS n 
2 134 GLY n 
2 135 ALA n 
2 136 VAL n 
2 137 LYS n 
2 138 LYS n 
2 139 LEU n 
2 140 ALA n 
2 141 SER n 
2 142 LEU n 
2 143 HIS n 
2 144 GLY n 
2 145 THR n 
2 146 THR n 
2 147 TYR n 
2 148 SER n 
2 149 TYR n 
2 150 GLY n 
2 151 PRO n 
2 152 GLY n 
2 153 ALA n 
2 154 THR n 
2 155 THR n 
2 156 ILE n 
2 157 TYR n 
2 158 PRO n 
2 159 ALA n 
2 160 SER n 
2 161 GLY n 
2 162 GLY n 
2 163 SER n 
2 164 ASP n 
2 165 ASP n 
2 166 TRP n 
2 167 ALA n 
2 168 TYR n 
2 169 ASP n 
2 170 GLN n 
2 171 GLY n 
2 172 ILE n 
2 173 LYS n 
2 174 TYR n 
2 175 SER n 
2 176 PHE n 
2 177 THR n 
2 178 PHE n 
2 179 GLU n 
2 180 LEU n 
2 181 ARG n 
2 182 ASP n 
2 183 LYS n 
2 184 GLY n 
2 185 ARG n 
2 186 TYR n 
2 187 GLY n 
2 188 PHE n 
2 189 VAL n 
2 190 LEU n 
2 191 PRO n 
2 192 GLU n 
2 193 SER n 
2 194 GLN n 
2 195 ILE n 
2 196 GLN n 
2 197 PRO n 
2 198 THR n 
2 199 CYS n 
2 200 GLU n 
2 201 GLU n 
2 202 THR n 
2 203 MET n 
2 204 LEU n 
2 205 ALA n 
2 206 ILE n 
2 207 LYS n 
2 208 TYR n 
2 209 VAL n 
2 210 THR n 
2 211 SER n 
2 212 TYR n 
2 213 VAL n 
2 214 LEU n 
2 215 GLU n 
2 216 HIS n 
2 217 LEU n 
# 
loop_
_entity_src_gen.entity_id 
_entity_src_gen.pdbx_src_id 
_entity_src_gen.pdbx_alt_source_flag 
_entity_src_gen.pdbx_seq_type 
_entity_src_gen.pdbx_beg_seq_num 
_entity_src_gen.pdbx_end_seq_num 
_entity_src_gen.gene_src_common_name 
_entity_src_gen.gene_src_genus 
_entity_src_gen.pdbx_gene_src_gene 
_entity_src_gen.gene_src_species 
_entity_src_gen.gene_src_strain 
_entity_src_gen.gene_src_tissue 
_entity_src_gen.gene_src_tissue_fraction 
_entity_src_gen.gene_src_details 
_entity_src_gen.pdbx_gene_src_fragment 
_entity_src_gen.pdbx_gene_src_scientific_name 
_entity_src_gen.pdbx_gene_src_ncbi_taxonomy_id 
_entity_src_gen.pdbx_gene_src_variant 
_entity_src_gen.pdbx_gene_src_cell_line 
_entity_src_gen.pdbx_gene_src_atcc 
_entity_src_gen.pdbx_gene_src_organ 
_entity_src_gen.pdbx_gene_src_organelle 
_entity_src_gen.pdbx_gene_src_cell 
_entity_src_gen.pdbx_gene_src_cellular_location 
_entity_src_gen.host_org_common_name 
_entity_src_gen.pdbx_host_org_scientific_name 
_entity_src_gen.pdbx_host_org_ncbi_taxonomy_id 
_entity_src_gen.host_org_genus 
_entity_src_gen.pdbx_host_org_gene 
_entity_src_gen.pdbx_host_org_organ 
_entity_src_gen.host_org_species 
_entity_src_gen.pdbx_host_org_tissue 
_entity_src_gen.pdbx_host_org_tissue_fraction 
_entity_src_gen.pdbx_host_org_strain 
_entity_src_gen.pdbx_host_org_variant 
_entity_src_gen.pdbx_host_org_cell_line 
_entity_src_gen.pdbx_host_org_atcc 
_entity_src_gen.pdbx_host_org_culture_collection 
_entity_src_gen.pdbx_host_org_cell 
_entity_src_gen.pdbx_host_org_organelle 
_entity_src_gen.pdbx_host_org_cellular_location 
_entity_src_gen.pdbx_host_org_vector_type 
_entity_src_gen.pdbx_host_org_vector 
_entity_src_gen.host_org_details 
_entity_src_gen.expression_system_id 
_entity_src_gen.plasmid_name 
_entity_src_gen.plasmid_details 
_entity_src_gen.pdbx_description 
1 1 sample ? ? ? cattle Bos ? ? ? ? ? ? ? 'Bos taurus' 9913 ? ? ? PANCREAS ? ? ? ? ? ? ? ? ? ? ? ? ? ? ? ? ? ? ? ? ? ? ? ? ? ? ? 
2 1 sample ? ? ? cattle Bos ? ? ? ? ? ? ? 'Bos taurus' 9913 ? ? ? PANCREAS ? ? ? ? ? ? ? ? ? ? ? ? ? ? ? ? ? ? ? ? ? ? ? ? ? ? ? 
# 
loop_
_chem_comp.id 
_chem_comp.type 
_chem_comp.mon_nstd_flag 
_chem_comp.name 
_chem_comp.pdbx_synonyms 
_chem_comp.formula 
_chem_comp.formula_weight 
ALA 'L-peptide linking' y ALANINE         ? 'C3 H7 N O2'     89.093  
ARG 'L-peptide linking' y ARGININE        ? 'C6 H15 N4 O2 1' 175.209 
ASN 'L-peptide linking' y ASPARAGINE      ? 'C4 H8 N2 O3'    132.118 
ASP 'L-peptide linking' y 'ASPARTIC ACID' ? 'C4 H7 N O4'     133.103 
CYS 'L-peptide linking' y CYSTEINE        ? 'C3 H7 N O2 S'   121.158 
GLN 'L-peptide linking' y GLUTAMINE       ? 'C5 H10 N2 O3'   146.144 
GLU 'L-peptide linking' y 'GLUTAMIC ACID' ? 'C5 H9 N O4'     147.129 
GLY 'peptide linking'   y GLYCINE         ? 'C2 H5 N O2'     75.067  
HIS 'L-peptide linking' y HISTIDINE       ? 'C6 H10 N3 O2 1' 156.162 
ILE 'L-peptide linking' y ISOLEUCINE      ? 'C6 H13 N O2'    131.173 
LEU 'L-peptide linking' y LEUCINE         ? 'C6 H13 N O2'    131.173 
LYS 'L-peptide linking' y LYSINE          ? 'C6 H15 N2 O2 1' 147.195 
MET 'L-peptide linking' y METHIONINE      ? 'C5 H11 N O2 S'  149.211 
PHE 'L-peptide linking' y PHENYLALANINE   ? 'C9 H11 N O2'    165.189 
PRO 'L-peptide linking' y PROLINE         ? 'C5 H9 N O2'     115.130 
SER 'L-peptide linking' y SERINE          ? 'C3 H7 N O3'     105.093 
THR 'L-peptide linking' y THREONINE       ? 'C4 H9 N O3'     119.119 
TRP 'L-peptide linking' y TRYPTOPHAN      ? 'C11 H12 N2 O2'  204.225 
TYR 'L-peptide linking' y TYROSINE        ? 'C9 H11 N O3'    181.189 
VAL 'L-peptide linking' y VALINE          ? 'C5 H11 N O2'    117.146 
# 
loop_
_pdbx_poly_seq_scheme.asym_id 
_pdbx_poly_seq_scheme.entity_id 
_pdbx_poly_seq_scheme.seq_id 
_pdbx_poly_seq_scheme.mon_id 
_pdbx_poly_seq_scheme.ndb_seq_num 
_pdbx_poly_seq_scheme.pdb_seq_num 
_pdbx_poly_seq_scheme.auth_seq_num 
_pdbx_poly_seq_scheme.pdb_mon_id 
_pdbx_poly_seq_scheme.auth_mon_id 
_pdbx_poly_seq_scheme.pdb_strand_id 
_pdbx_poly_seq_scheme.pdb_ins_code 
_pdbx_poly_seq_scheme.hetero 
A 1 1   THR 1   4   4   THR THR A . n 
A 1 2   THR 2   5   5   THR THR A . n 
A 1 3   GLY 3   6   6   GLY GLY A . n 
A 1 4   HIS 4   7   7   HIS HIS A . n 
A 1 5   SER 5   8   8   SER SER A . n 
A 1 6   TYR 6   9   9   TYR TYR A . n 
A 1 7   GLU 7   10  10  GLU GLU A . n 
A 1 8   LYS 8   11  11  LYS LYS A . n 
A 1 9   TYR 9   12  12  TYR TYR A . n 
A 1 10  ASN 10  13  13  ASN ASN A . n 
A 1 11  ASN 11  14  14  ASN ASN A . n 
A 1 12  TRP 12  15  15  TRP TRP A . n 
A 1 13  GLU 13  16  16  GLU GLU A . n 
A 1 14  THR 14  17  17  THR THR A . n 
A 1 15  ILE 15  18  18  ILE ILE A . n 
A 1 16  GLU 16  19  19  GLU GLU A . n 
A 1 17  ALA 17  20  20  ALA ALA A . n 
A 1 18  TRP 18  21  21  TRP TRP A . n 
A 1 19  THR 19  22  22  THR THR A . n 
A 1 20  GLU 20  23  23  GLU GLU A . n 
A 1 21  GLN 21  24  24  GLN GLN A . n 
A 1 22  VAL 22  25  25  VAL VAL A . n 
A 1 23  ALA 23  26  26  ALA ALA A . n 
A 1 24  SER 24  27  27  SER SER A . n 
A 1 25  GLU 25  28  28  GLU GLU A . n 
A 1 26  ASN 26  29  29  ASN ASN A . n 
A 1 27  PRO 27  30  30  PRO PRO A . n 
A 1 28  ASP 28  31  31  ASP ASP A . n 
A 1 29  LEU 29  32  32  LEU LEU A . n 
A 1 30  ILE 30  33  33  ILE ILE A . n 
A 1 31  SER 31  34  34  SER SER A . n 
A 1 32  ARG 32  35  35  ARG ARG A . n 
A 1 33  SER 33  36  36  SER SER A . n 
A 1 34  ALA 34  37  37  ALA ALA A . n 
A 1 35  ILE 35  38  38  ILE ILE A . n 
A 1 36  GLY 36  39  39  GLY GLY A . n 
A 1 37  THR 37  40  40  THR THR A . n 
A 1 38  THR 38  41  41  THR THR A . n 
A 1 39  PHE 39  42  42  PHE PHE A . n 
A 1 40  LEU 40  43  43  LEU LEU A . n 
A 1 41  GLY 41  44  44  GLY GLY A . n 
A 1 42  ASN 42  45  45  ASN ASN A . n 
A 1 43  THR 43  46  46  THR THR A . n 
A 1 44  ILE 44  47  47  ILE ILE A . n 
A 1 45  TYR 45  48  48  TYR TYR A . n 
A 1 46  LEU 46  49  49  LEU LEU A . n 
A 1 47  LEU 47  50  50  LEU LEU A . n 
A 1 48  LYS 48  51  51  LYS LYS A . n 
A 1 49  VAL 49  52  52  VAL VAL A . n 
A 1 50  GLY 50  53  53  GLY GLY A . n 
A 1 51  LYS 51  54  54  LYS LYS A . n 
A 1 52  PRO 52  55  55  PRO PRO A . n 
A 1 53  GLY 53  56  56  GLY GLY A . n 
A 1 54  SER 54  57  57  SER SER A . n 
A 1 55  ASN 55  58  58  ASN ASN A . n 
A 1 56  LYS 56  59  59  LYS LYS A . n 
A 1 57  PRO 57  60  60  PRO PRO A . n 
A 1 58  ALA 58  61  61  ALA ALA A . n 
A 1 59  VAL 59  62  62  VAL VAL A . n 
A 1 60  PHE 60  63  63  PHE PHE A . n 
A 1 61  MET 61  64  64  MET MET A . n 
A 1 62  ASP 62  65  65  ASP ASP A . n 
A 1 63  CYS 63  66  66  CYS CYS A . n 
A 1 64  GLY 64  67  67  GLY GLY A . n 
A 1 65  PHE 65  68  68  PHE PHE A . n 
A 1 66  HIS 66  69  69  HIS HIS A . n 
A 1 67  ALA 67  70  70  ALA ALA A . n 
A 1 68  ARG 68  71  71  ARG ARG A . n 
A 1 69  GLU 69  72  72  GLU GLU A . n 
A 1 70  TRP 70  73  73  TRP TRP A . n 
A 1 71  ILE 71  74  74  ILE ILE A . n 
A 1 72  SER 72  75  75  SER SER A . n 
A 1 73  PRO 73  76  76  PRO PRO A . n 
A 1 74  ALA 74  77  77  ALA ALA A . n 
A 1 75  PHE 75  78  78  PHE PHE A . n 
A 1 76  CYS 76  79  79  CYS CYS A . n 
A 1 77  GLN 77  80  80  GLN GLN A . n 
A 1 78  TRP 78  81  81  TRP TRP A . n 
A 1 79  PHE 79  82  82  PHE PHE A . n 
A 1 80  VAL 80  83  83  VAL VAL A . n 
A 1 81  ARG 81  84  84  ARG ARG A . n 
A 1 82  GLU 82  85  85  GLU GLU A . n 
B 2 1   GLU 1   93  93  GLU GLU B . n 
B 2 2   ILE 2   94  94  ILE ILE B . n 
B 2 3   HIS 3   95  95  HIS HIS B . n 
B 2 4   MET 4   96  96  MET MET B . n 
B 2 5   THR 5   97  97  THR THR B . n 
B 2 6   GLU 6   98  98  GLU GLU B . n 
B 2 7   PHE 7   99  99  PHE PHE B . n 
B 2 8   LEU 8   100 100 LEU LEU B . n 
B 2 9   ASP 9   101 101 ASP ASP B . n 
B 2 10  LYS 10  102 102 LYS LYS B . n 
B 2 11  LEU 11  103 103 LEU LEU B . n 
B 2 12  ASP 12  104 104 ASP ASP B . n 
B 2 13  PHE 13  105 105 PHE PHE B . n 
B 2 14  TYR 14  106 106 TYR TYR B . n 
B 2 15  VAL 15  107 107 VAL VAL B . n 
B 2 16  LEU 16  108 108 LEU LEU B . n 
B 2 17  PRO 17  109 109 PRO PRO B . n 
B 2 18  VAL 18  110 110 VAL VAL B . n 
B 2 19  VAL 19  111 111 VAL VAL B . n 
B 2 20  ASN 20  112 112 ASN ASN B . n 
B 2 21  ILE 21  113 113 ILE ILE B . n 
B 2 22  ASP 22  114 114 ASP ASP B . n 
B 2 23  GLY 23  115 115 GLY GLY B . n 
B 2 24  TYR 24  116 116 TYR TYR B . n 
B 2 25  ILE 25  117 117 ILE ILE B . n 
B 2 26  TYR 26  118 118 TYR TYR B . n 
B 2 27  THR 27  119 119 THR THR B . n 
B 2 28  TRP 28  120 120 TRP TRP B . n 
B 2 29  THR 29  121 121 THR THR B . n 
B 2 30  THR 30  122 122 THR THR B . n 
B 2 31  ASN 31  123 123 ASN ASN B . n 
B 2 32  ARG 32  124 124 ARG ARG B . n 
B 2 33  MET 33  125 125 MET MET B . n 
B 2 34  TRP 34  126 126 TRP TRP B . n 
B 2 35  ARG 35  127 127 ARG ARG B . n 
B 2 36  LYS 36  128 128 LYS LYS B . n 
B 2 37  THR 37  129 129 THR THR B . n 
B 2 38  ARG 38  130 130 ARG ARG B . n 
B 2 39  SER 39  131 131 SER SER B . n 
B 2 40  THR 40  132 132 THR THR B . n 
B 2 41  ARG 41  133 133 ARG ARG B . n 
B 2 42  ALA 42  134 134 ALA ALA B . n 
B 2 43  GLY 43  135 135 GLY GLY B . n 
B 2 44  SER 44  136 136 SER SER B . n 
B 2 45  SER 45  137 137 SER SER B . n 
B 2 46  CYS 46  138 138 CYS CYS B . n 
B 2 47  THR 47  139 139 THR THR B . n 
B 2 48  GLY 48  140 140 GLY GLY B . n 
B 2 49  THR 49  141 141 THR THR B . n 
B 2 50  ASP 50  142 142 ASP ASP B . n 
B 2 51  LEU 51  143 143 LEU LEU B . n 
B 2 52  ASN 52  144 144 ASN ASN B . n 
B 2 53  ARG 53  145 145 ARG ARG B . n 
B 2 54  ASN 54  146 146 ASN ASN B . n 
B 2 55  PHE 55  147 147 PHE PHE B . n 
B 2 56  ASP 56  148 148 ASP ASP B . n 
B 2 57  ALA 57  149 149 ALA ALA B . n 
B 2 58  GLY 58  150 150 GLY GLY B . n 
B 2 59  TRP 59  151 151 TRP TRP B . n 
B 2 60  CYS 60  152 152 CYS CYS B . n 
B 2 61  SER 61  153 153 SER SER B . n 
B 2 62  ILE 62  154 154 ILE ILE B . n 
B 2 63  GLY 63  155 155 GLY GLY B . n 
B 2 64  ALA 64  156 156 ALA ALA B . n 
B 2 65  SER 65  157 157 SER SER B . n 
B 2 66  ASN 66  158 158 ASN ASN B . n 
B 2 67  ASN 67  159 159 ASN ASN B . n 
B 2 68  PRO 68  160 160 PRO PRO B . n 
B 2 69  CYS 69  161 161 CYS CYS B . n 
B 2 70  SER 70  162 162 SER SER B . n 
B 2 71  GLU 71  163 163 GLU GLU B . n 
B 2 72  THR 72  164 164 THR THR B . n 
B 2 73  TYR 73  165 165 TYR TYR B . n 
B 2 74  CYS 74  166 166 CYS CYS B . n 
B 2 75  GLY 75  167 167 GLY GLY B . n 
B 2 76  SER 76  168 168 SER SER B . n 
B 2 77  ALA 77  169 169 ALA ALA B . n 
B 2 78  ALA 78  170 170 ALA ALA B . n 
B 2 79  GLU 79  171 171 GLU GLU B . n 
B 2 80  SER 80  172 172 SER SER B . n 
B 2 81  GLU 81  173 173 GLU GLU B . n 
B 2 82  LYS 82  174 174 LYS LYS B . n 
B 2 83  GLU 83  175 175 GLU GLU B . n 
B 2 84  SER 84  176 176 SER SER B . n 
B 2 85  LYS 85  177 177 LYS LYS B . n 
B 2 86  ALA 86  178 178 ALA ALA B . n 
B 2 87  VAL 87  179 179 VAL VAL B . n 
B 2 88  ALA 88  180 180 ALA ALA B . n 
B 2 89  ASP 89  181 181 ASP ASP B . n 
B 2 90  PHE 90  182 182 PHE PHE B . n 
B 2 91  ILE 91  183 183 ILE ILE B . n 
B 2 92  ARG 92  184 184 ARG ARG B . n 
B 2 93  ASN 93  185 185 ASN ASN B . n 
B 2 94  HIS 94  186 186 HIS HIS B . n 
B 2 95  LEU 95  187 187 LEU LEU B . n 
B 2 96  SER 96  188 188 SER SER B . n 
B 2 97  SER 97  188 188 SER SER B A n 
B 2 98  ILE 98  189 189 ILE ILE B . n 
B 2 99  LYS 99  190 190 LYS LYS B . n 
B 2 100 ALA 100 191 191 ALA ALA B . n 
B 2 101 TYR 101 192 192 TYR TYR B . n 
B 2 102 LEU 102 193 193 LEU LEU B . n 
B 2 103 THR 103 194 194 THR THR B . n 
B 2 104 ILE 104 195 195 ILE ILE B . n 
B 2 105 HIS 105 196 196 HIS HIS B . n 
B 2 106 SER 106 197 197 SER SER B . n 
B 2 107 TYR 107 198 198 TYR TYR B . n 
B 2 108 SER 108 199 199 SER SER B . n 
B 2 109 GLN 109 200 200 GLN GLN B . n 
B 2 110 MET 110 201 201 MET MET B . n 
B 2 111 MET 111 202 202 MET MET B . n 
B 2 112 LEU 112 203 203 LEU LEU B . n 
B 2 113 TYR 113 204 204 TYR TYR B . n 
B 2 114 PRO 114 205 205 PRO PRO B . n 
B 2 115 TYR 115 206 206 TYR TYR B . n 
B 2 116 SER 116 207 207 SER SER B . n 
B 2 117 TYR 117 208 208 TYR TYR B . n 
B 2 118 ASP 118 209 209 ASP ASP B . n 
B 2 119 TYR 119 210 210 TYR TYR B . n 
B 2 120 LYS 120 211 211 LYS LYS B . n 
B 2 121 LEU 121 212 212 LEU LEU B . n 
B 2 122 PRO 122 213 213 PRO PRO B . n 
B 2 123 LYS 123 214 214 LYS LYS B . n 
B 2 124 ASN 124 215 215 ASN ASN B . n 
B 2 125 ASN 125 216 216 ASN ASN B . n 
B 2 126 VAL 126 217 217 VAL VAL B . n 
B 2 127 GLU 127 218 218 GLU GLU B . n 
B 2 128 LEU 128 219 219 LEU LEU B . n 
B 2 129 ASN 129 220 220 ASN ASN B . n 
B 2 130 THR 130 221 221 THR THR B . n 
B 2 131 LEU 131 222 222 LEU LEU B . n 
B 2 132 ALA 132 223 223 ALA ALA B . n 
B 2 133 LYS 133 224 224 LYS LYS B . n 
B 2 134 GLY 134 225 225 GLY GLY B . n 
B 2 135 ALA 135 226 226 ALA ALA B . n 
B 2 136 VAL 136 227 227 VAL VAL B . n 
B 2 137 LYS 137 228 228 LYS LYS B . n 
B 2 138 LYS 138 229 229 LYS LYS B . n 
B 2 139 LEU 139 230 230 LEU LEU B . n 
B 2 140 ALA 140 231 231 ALA ALA B . n 
B 2 141 SER 141 232 232 SER SER B . n 
B 2 142 LEU 142 233 233 LEU LEU B . n 
B 2 143 HIS 143 234 234 HIS HIS B . n 
B 2 144 GLY 144 235 235 GLY GLY B . n 
B 2 145 THR 145 236 236 THR THR B . n 
B 2 146 THR 146 237 237 THR THR B . n 
B 2 147 TYR 147 238 238 TYR TYR B . n 
B 2 148 SER 148 239 239 SER SER B . n 
B 2 149 TYR 149 240 240 TYR TYR B . n 
B 2 150 GLY 150 241 241 GLY GLY B . n 
B 2 151 PRO 151 242 242 PRO PRO B . n 
B 2 152 GLY 152 243 243 GLY GLY B . n 
B 2 153 ALA 153 244 244 ALA ALA B . n 
B 2 154 THR 154 245 245 THR THR B . n 
B 2 155 THR 155 246 246 THR THR B . n 
B 2 156 ILE 156 247 247 ILE ILE B . n 
B 2 157 TYR 157 248 248 TYR TYR B . n 
B 2 158 PRO 158 249 249 PRO PRO B . n 
B 2 159 ALA 159 250 250 ALA ALA B . n 
B 2 160 SER 160 251 251 SER SER B . n 
B 2 161 GLY 161 252 252 GLY GLY B . n 
B 2 162 GLY 162 253 253 GLY GLY B . n 
B 2 163 SER 163 254 254 SER SER B . n 
B 2 164 ASP 164 255 255 ASP ASP B . n 
B 2 165 ASP 165 256 256 ASP ASP B . n 
B 2 166 TRP 166 257 257 TRP TRP B . n 
B 2 167 ALA 167 258 258 ALA ALA B . n 
B 2 168 TYR 168 259 259 TYR TYR B . n 
B 2 169 ASP 169 260 260 ASP ASP B . n 
B 2 170 GLN 170 261 261 GLN GLN B . n 
B 2 171 GLY 171 262 262 GLY GLY B . n 
B 2 172 ILE 172 263 263 ILE ILE B . n 
B 2 173 LYS 173 264 264 LYS LYS B . n 
B 2 174 TYR 174 265 265 TYR TYR B . n 
B 2 175 SER 175 266 266 SER SER B . n 
B 2 176 PHE 176 267 267 PHE PHE B . n 
B 2 177 THR 177 268 268 THR THR B . n 
B 2 178 PHE 178 269 269 PHE PHE B . n 
B 2 179 GLU 179 270 270 GLU GLU B . n 
B 2 180 LEU 180 271 271 LEU LEU B . n 
B 2 181 ARG 181 272 272 ARG ARG B . n 
B 2 182 ASP 182 273 273 ASP ASP B . n 
B 2 183 LYS 183 274 274 LYS LYS B . n 
B 2 184 GLY 184 275 275 GLY GLY B . n 
B 2 185 ARG 185 276 276 ARG ARG B . n 
B 2 186 TYR 186 277 277 TYR TYR B . n 
B 2 187 GLY 187 278 278 GLY GLY B . n 
B 2 188 PHE 188 279 279 PHE PHE B . n 
B 2 189 VAL 189 280 280 VAL VAL B . n 
B 2 190 LEU 190 281 281 LEU LEU B . n 
B 2 191 PRO 191 282 282 PRO PRO B . n 
B 2 192 GLU 192 283 283 GLU GLU B . n 
B 2 193 SER 193 284 284 SER SER B . n 
B 2 194 GLN 194 285 285 GLN GLN B . n 
B 2 195 ILE 195 286 286 ILE ILE B . n 
B 2 196 GLN 196 287 287 GLN GLN B . n 
B 2 197 PRO 197 288 288 PRO PRO B . n 
B 2 198 THR 198 289 289 THR THR B . n 
B 2 199 CYS 199 290 290 CYS CYS B . n 
B 2 200 GLU 200 291 291 GLU GLU B . n 
B 2 201 GLU 201 292 292 GLU GLU B . n 
B 2 202 THR 202 293 293 THR THR B . n 
B 2 203 MET 203 294 294 MET MET B . n 
B 2 204 LEU 204 295 295 LEU LEU B . n 
B 2 205 ALA 205 296 296 ALA ALA B . n 
B 2 206 ILE 206 297 297 ILE ILE B . n 
B 2 207 LYS 207 298 298 LYS LYS B . n 
B 2 208 TYR 208 299 299 TYR TYR B . n 
B 2 209 VAL 209 300 300 VAL VAL B . n 
B 2 210 THR 210 301 301 THR THR B . n 
B 2 211 SER 211 302 302 SER SER B . n 
B 2 212 TYR 212 303 303 TYR TYR B . n 
B 2 213 VAL 213 304 304 VAL VAL B . n 
B 2 214 LEU 214 305 305 LEU LEU B . n 
B 2 215 GLU 215 306 306 GLU GLU B . n 
B 2 216 HIS 216 307 307 HIS HIS B . n 
B 2 217 LEU 217 308 308 LEU LEU B . n 
# 
_cell.entry_id           1CPB 
_cell.length_a           54.940 
_cell.length_b           54.940 
_cell.length_c           104.600 
_cell.angle_alpha        90.00 
_cell.angle_beta         90.00 
_cell.angle_gamma        120.00 
_cell.Z_PDB              3 
_cell.pdbx_unique_axis   ? 
# 
_symmetry.entry_id                         1CPB 
_symmetry.space_group_name_H-M             'P 32' 
_symmetry.pdbx_full_space_group_name_H-M   ? 
_symmetry.cell_setting                     ? 
_symmetry.Int_Tables_number                145 
# 
_exptl.entry_id          1CPB 
_exptl.method            'X-RAY DIFFRACTION' 
_exptl.crystals_number   ? 
# 
_exptl_crystal.id                    1 
_exptl_crystal.density_meas          ? 
_exptl_crystal.density_Matthews      2.69 
_exptl_crystal.density_percent_sol   54.29 
_exptl_crystal.description           ? 
# 
_diffrn.id                     1 
_diffrn.crystal_id             1 
_diffrn.ambient_temp           ? 
_diffrn.ambient_temp_details   ? 
# 
_refine.entry_id                                 1CPB 
_refine.ls_number_reflns_obs                     ? 
_refine.ls_number_reflns_all                     ? 
_refine.pdbx_ls_sigma_I                          ? 
_refine.pdbx_ls_sigma_F                          ? 
_refine.pdbx_data_cutoff_high_absF               ? 
_refine.pdbx_data_cutoff_low_absF                ? 
_refine.pdbx_data_cutoff_high_rms_absF           ? 
_refine.ls_d_res_low                             ? 
_refine.ls_d_res_high                            2.8 
_refine.ls_percent_reflns_obs                    ? 
_refine.ls_R_factor_obs                          ? 
_refine.ls_R_factor_all                          ? 
_refine.ls_R_factor_R_work                       ? 
_refine.ls_R_factor_R_free                       ? 
_refine.ls_R_factor_R_free_error                 ? 
_refine.ls_R_factor_R_free_error_details         ? 
_refine.ls_percent_reflns_R_free                 ? 
_refine.ls_number_reflns_R_free                  ? 
_refine.ls_number_parameters                     ? 
_refine.ls_number_restraints                     ? 
_refine.occupancy_min                            ? 
_refine.occupancy_max                            ? 
_refine.B_iso_mean                               ? 
_refine.aniso_B[1][1]                            ? 
_refine.aniso_B[2][2]                            ? 
_refine.aniso_B[3][3]                            ? 
_refine.aniso_B[1][2]                            ? 
_refine.aniso_B[1][3]                            ? 
_refine.aniso_B[2][3]                            ? 
_refine.solvent_model_details                    ? 
_refine.solvent_model_param_ksol                 ? 
_refine.solvent_model_param_bsol                 ? 
_refine.pdbx_ls_cross_valid_method               ? 
_refine.details                                  ? 
_refine.pdbx_starting_model                      ? 
_refine.pdbx_method_to_determine_struct          ? 
_refine.pdbx_isotropic_thermal_model             ? 
_refine.pdbx_stereochemistry_target_values       ? 
_refine.pdbx_stereochem_target_val_spec_case     ? 
_refine.pdbx_R_Free_selection_details            ? 
_refine.pdbx_overall_ESU_R                       ? 
_refine.pdbx_overall_ESU_R_Free                  ? 
_refine.overall_SU_ML                            ? 
_refine.overall_SU_B                             ? 
_refine.pdbx_refine_id                           'X-RAY DIFFRACTION' 
_refine.pdbx_diffrn_id                           1 
_refine.pdbx_TLS_residual_ADP_flag               ? 
_refine.correlation_coeff_Fo_to_Fc               ? 
_refine.correlation_coeff_Fo_to_Fc_free          ? 
_refine.pdbx_solvent_vdw_probe_radii             ? 
_refine.pdbx_solvent_ion_probe_radii             ? 
_refine.pdbx_solvent_shrinkage_radii             ? 
_refine.pdbx_overall_phase_error                 ? 
_refine.overall_SU_R_Cruickshank_DPI             ? 
_refine.pdbx_overall_SU_R_free_Cruickshank_DPI   ? 
_refine.pdbx_overall_SU_R_Blow_DPI               ? 
_refine.pdbx_overall_SU_R_free_Blow_DPI          ? 
# 
_refine_hist.pdbx_refine_id                   'X-RAY DIFFRACTION' 
_refine_hist.cycle_id                         LAST 
_refine_hist.pdbx_number_atoms_protein        299 
_refine_hist.pdbx_number_atoms_nucleic_acid   0 
_refine_hist.pdbx_number_atoms_ligand         0 
_refine_hist.number_atoms_solvent             0 
_refine_hist.number_atoms_total               299 
_refine_hist.d_res_high                       2.8 
_refine_hist.d_res_low                        . 
# 
_struct.entry_id                  1CPB 
_struct.title                     'STRUCTURE OF CARBOXYPEPTIDASE B AT 2.8 ANGSTROMS RESOLUTION' 
_struct.pdbx_model_details        ? 
_struct.pdbx_CASP_flag            ? 
_struct.pdbx_model_type_details   ? 
# 
_struct_keywords.entry_id        1CPB 
_struct_keywords.pdbx_keywords   'HYDROLASE (C-TERMINAL PEPTIDASE)' 
_struct_keywords.text            'HYDROLASE (C-TERMINAL PEPTIDASE)' 
# 
loop_
_struct_asym.id 
_struct_asym.pdbx_blank_PDB_chainid_flag 
_struct_asym.pdbx_modified 
_struct_asym.entity_id 
_struct_asym.details 
A N N 1 ? 
B N N 2 ? 
# 
loop_
_struct_ref.id 
_struct_ref.db_name 
_struct_ref.db_code 
_struct_ref.pdbx_db_accession 
_struct_ref.entity_id 
_struct_ref.pdbx_align_begin 
_struct_ref.pdbx_db_isoform 
_struct_ref.pdbx_seq_one_letter_code 
1 UNP CBPB1_BOVIN P00732 1 1  ? ? 
2 UNP CBPB1_BOVIN P00732 2 90 ? ? 
# 
loop_
_struct_ref_seq.align_id 
_struct_ref_seq.ref_id 
_struct_ref_seq.pdbx_PDB_id_code 
_struct_ref_seq.pdbx_strand_id 
_struct_ref_seq.seq_align_beg 
_struct_ref_seq.pdbx_seq_align_beg_ins_code 
_struct_ref_seq.seq_align_end 
_struct_ref_seq.pdbx_seq_align_end_ins_code 
_struct_ref_seq.pdbx_db_accession 
_struct_ref_seq.db_align_beg 
_struct_ref_seq.pdbx_db_align_beg_ins_code 
_struct_ref_seq.db_align_end 
_struct_ref_seq.pdbx_db_align_end_ins_code 
_struct_ref_seq.pdbx_auth_seq_align_beg 
_struct_ref_seq.pdbx_auth_seq_align_end 
1 1 1CPB A 1 ? 82  ? P00732 1  ? 82  ? 4  85  
2 2 1CPB B 1 ? 217 ? P00732 90 ? 306 ? 93 308 
# 
_pdbx_struct_assembly.id                   1 
_pdbx_struct_assembly.details              author_defined_assembly 
_pdbx_struct_assembly.method_details       ? 
_pdbx_struct_assembly.oligomeric_details   dimeric 
_pdbx_struct_assembly.oligomeric_count     2 
# 
_pdbx_struct_assembly_gen.assembly_id       1 
_pdbx_struct_assembly_gen.oper_expression   1 
_pdbx_struct_assembly_gen.asym_id_list      A,B 
# 
_pdbx_struct_oper_list.id                   1 
_pdbx_struct_oper_list.type                 'identity operation' 
_pdbx_struct_oper_list.name                 1_555 
_pdbx_struct_oper_list.symmetry_operation   x,y,z 
_pdbx_struct_oper_list.matrix[1][1]         1.0000000000 
_pdbx_struct_oper_list.matrix[1][2]         0.0000000000 
_pdbx_struct_oper_list.matrix[1][3]         0.0000000000 
_pdbx_struct_oper_list.vector[1]            0.0000000000 
_pdbx_struct_oper_list.matrix[2][1]         0.0000000000 
_pdbx_struct_oper_list.matrix[2][2]         1.0000000000 
_pdbx_struct_oper_list.matrix[2][3]         0.0000000000 
_pdbx_struct_oper_list.vector[2]            0.0000000000 
_pdbx_struct_oper_list.matrix[3][1]         0.0000000000 
_pdbx_struct_oper_list.matrix[3][2]         0.0000000000 
_pdbx_struct_oper_list.matrix[3][3]         1.0000000000 
_pdbx_struct_oper_list.vector[3]            0.0000000000 
# 
_struct_biol.id   1 
# 
loop_
_struct_conf.conf_type_id 
_struct_conf.id 
_struct_conf.pdbx_PDB_helix_id 
_struct_conf.beg_label_comp_id 
_struct_conf.beg_label_asym_id 
_struct_conf.beg_label_seq_id 
_struct_conf.pdbx_beg_PDB_ins_code 
_struct_conf.end_label_comp_id 
_struct_conf.end_label_asym_id 
_struct_conf.end_label_seq_id 
_struct_conf.pdbx_end_PDB_ins_code 
_struct_conf.beg_auth_comp_id 
_struct_conf.beg_auth_asym_id 
_struct_conf.beg_auth_seq_id 
_struct_conf.end_auth_comp_id 
_struct_conf.end_auth_asym_id 
_struct_conf.end_auth_seq_id 
_struct_conf.pdbx_PDB_helix_class 
_struct_conf.details 
_struct_conf.pdbx_PDB_helix_length 
HELX_P HELX_P1 A ASN A 11  ? ALA A 23  ? ASN A 14  ALA A 26  1 ? 13 
HELX_P HELX_P2 B GLU A 69  ? GLN A 77  ? GLU A 72  GLN A 80  1 ? 9  
HELX_P HELX_P3 C ILE B 2   ? ASP B 9   ? ILE B 94  ASP B 101 1 ? 8  
HELX_P HELX_P4 D ASN B 20  ? THR B 27  ? ASN B 112 THR B 119 1 ? 8  
HELX_P HELX_P5 E GLU B 81  ? LEU B 95  ? GLU B 173 LEU B 187 1 ? 15 
HELX_P HELX_P6 F ASN B 125 ? LEU B 142 ? ASN B 216 LEU B 233 1 ? 18 
HELX_P HELX_P7 G SER B 163 ? SER B 175 ? SER B 254 SER B 266 1 ? 13 
HELX_P HELX_P8 H GLN B 194 ? GLU B 215 ? GLN B 285 GLU B 306 1 ? 22 
# 
_struct_conf_type.id          HELX_P 
_struct_conf_type.criteria    ? 
_struct_conf_type.reference   ? 
# 
_struct_sheet.id               S1 
_struct_sheet.type             ? 
_struct_sheet.number_strands   8 
_struct_sheet.details          ? 
# 
loop_
_struct_sheet_order.sheet_id 
_struct_sheet_order.range_id_1 
_struct_sheet_order.range_id_2 
_struct_sheet_order.offset 
_struct_sheet_order.sense 
S1 1 2 ? anti-parallel 
S1 2 3 ? anti-parallel 
S1 3 4 ? parallel      
S1 4 5 ? parallel      
S1 5 6 ? parallel      
S1 6 7 ? anti-parallel 
S1 7 8 ? parallel      
# 
loop_
_struct_sheet_range.sheet_id 
_struct_sheet_range.id 
_struct_sheet_range.beg_label_comp_id 
_struct_sheet_range.beg_label_asym_id 
_struct_sheet_range.beg_label_seq_id 
_struct_sheet_range.pdbx_beg_PDB_ins_code 
_struct_sheet_range.end_label_comp_id 
_struct_sheet_range.end_label_asym_id 
_struct_sheet_range.end_label_seq_id 
_struct_sheet_range.pdbx_end_PDB_ins_code 
_struct_sheet_range.beg_auth_comp_id 
_struct_sheet_range.beg_auth_asym_id 
_struct_sheet_range.beg_auth_seq_id 
_struct_sheet_range.end_auth_comp_id 
_struct_sheet_range.end_auth_asym_id 
_struct_sheet_range.end_auth_seq_id 
S1 1 LEU A 29  ? ARG A 32  ? LEU A 32  ARG A 35  
S1 2 TYR A 45  ? GLY A 50  ? TYR A 48  GLY A 53  
S1 3 ASP B 12  ? LEU B 16  ? ASP B 104 LEU B 108 
S1 4 PRO A 57  ? GLY A 64  ? PRO A 60  GLY A 67  
S1 5 LYS B 99  ? HIS B 105 ? LYS B 190 HIS B 196 
S1 6 TYR B 174 ? LEU B 180 ? TYR B 265 LEU B 271 
S1 7 GLN B 109 ? TYR B 113 ? GLN B 200 TYR B 204 
S1 8 SER B 148 ? GLY B 150 ? SER B 239 GLY B 241 
# 
loop_
_pdbx_validate_close_contact.id 
_pdbx_validate_close_contact.PDB_model_num 
_pdbx_validate_close_contact.auth_atom_id_1 
_pdbx_validate_close_contact.auth_asym_id_1 
_pdbx_validate_close_contact.auth_comp_id_1 
_pdbx_validate_close_contact.auth_seq_id_1 
_pdbx_validate_close_contact.PDB_ins_code_1 
_pdbx_validate_close_contact.label_alt_id_1 
_pdbx_validate_close_contact.auth_atom_id_2 
_pdbx_validate_close_contact.auth_asym_id_2 
_pdbx_validate_close_contact.auth_comp_id_2 
_pdbx_validate_close_contact.auth_seq_id_2 
_pdbx_validate_close_contact.PDB_ins_code_2 
_pdbx_validate_close_contact.label_alt_id_2 
_pdbx_validate_close_contact.dist 
1 1 CA B LYS 228 ? ? CA B ARG 272 ? ? 0.63 
2 1 CA B MET 202 ? ? CA B THR 221 ? ? 1.12 
3 1 CA B CYS 290 ? ? CA B LEU 295 ? ? 1.55 
4 1 CA A MET 64  ? ? CA B GLU 306 ? ? 1.57 
5 1 CA B GLY 225 ? ? CA B LEU 271 ? ? 1.58 
6 1 CA B TYR 204 ? ? CA B GLU 218 ? ? 1.72 
7 1 CA B LEU 233 ? ? CA B GLN 285 ? ? 1.80 
8 1 CA B MET 201 ? ? CA B LYS 224 ? ? 1.81 
9 1 CA B THR 293 ? ? CA B ALA 296 ? ? 2.19 
# 
loop_
_chem_comp_atom.comp_id 
_chem_comp_atom.atom_id 
_chem_comp_atom.type_symbol 
_chem_comp_atom.pdbx_aromatic_flag 
_chem_comp_atom.pdbx_stereo_config 
_chem_comp_atom.pdbx_ordinal 
ALA N    N N N 1   
ALA CA   C N S 2   
ALA C    C N N 3   
ALA O    O N N 4   
ALA CB   C N N 5   
ALA OXT  O N N 6   
ALA H    H N N 7   
ALA H2   H N N 8   
ALA HA   H N N 9   
ALA HB1  H N N 10  
ALA HB2  H N N 11  
ALA HB3  H N N 12  
ALA HXT  H N N 13  
ARG N    N N N 14  
ARG CA   C N S 15  
ARG C    C N N 16  
ARG O    O N N 17  
ARG CB   C N N 18  
ARG CG   C N N 19  
ARG CD   C N N 20  
ARG NE   N N N 21  
ARG CZ   C N N 22  
ARG NH1  N N N 23  
ARG NH2  N N N 24  
ARG OXT  O N N 25  
ARG H    H N N 26  
ARG H2   H N N 27  
ARG HA   H N N 28  
ARG HB2  H N N 29  
ARG HB3  H N N 30  
ARG HG2  H N N 31  
ARG HG3  H N N 32  
ARG HD2  H N N 33  
ARG HD3  H N N 34  
ARG HE   H N N 35  
ARG HH11 H N N 36  
ARG HH12 H N N 37  
ARG HH21 H N N 38  
ARG HH22 H N N 39  
ARG HXT  H N N 40  
ASN N    N N N 41  
ASN CA   C N S 42  
ASN C    C N N 43  
ASN O    O N N 44  
ASN CB   C N N 45  
ASN CG   C N N 46  
ASN OD1  O N N 47  
ASN ND2  N N N 48  
ASN OXT  O N N 49  
ASN H    H N N 50  
ASN H2   H N N 51  
ASN HA   H N N 52  
ASN HB2  H N N 53  
ASN HB3  H N N 54  
ASN HD21 H N N 55  
ASN HD22 H N N 56  
ASN HXT  H N N 57  
ASP N    N N N 58  
ASP CA   C N S 59  
ASP C    C N N 60  
ASP O    O N N 61  
ASP CB   C N N 62  
ASP CG   C N N 63  
ASP OD1  O N N 64  
ASP OD2  O N N 65  
ASP OXT  O N N 66  
ASP H    H N N 67  
ASP H2   H N N 68  
ASP HA   H N N 69  
ASP HB2  H N N 70  
ASP HB3  H N N 71  
ASP HD2  H N N 72  
ASP HXT  H N N 73  
CYS N    N N N 74  
CYS CA   C N R 75  
CYS C    C N N 76  
CYS O    O N N 77  
CYS CB   C N N 78  
CYS SG   S N N 79  
CYS OXT  O N N 80  
CYS H    H N N 81  
CYS H2   H N N 82  
CYS HA   H N N 83  
CYS HB2  H N N 84  
CYS HB3  H N N 85  
CYS HG   H N N 86  
CYS HXT  H N N 87  
GLN N    N N N 88  
GLN CA   C N S 89  
GLN C    C N N 90  
GLN O    O N N 91  
GLN CB   C N N 92  
GLN CG   C N N 93  
GLN CD   C N N 94  
GLN OE1  O N N 95  
GLN NE2  N N N 96  
GLN OXT  O N N 97  
GLN H    H N N 98  
GLN H2   H N N 99  
GLN HA   H N N 100 
GLN HB2  H N N 101 
GLN HB3  H N N 102 
GLN HG2  H N N 103 
GLN HG3  H N N 104 
GLN HE21 H N N 105 
GLN HE22 H N N 106 
GLN HXT  H N N 107 
GLU N    N N N 108 
GLU CA   C N S 109 
GLU C    C N N 110 
GLU O    O N N 111 
GLU CB   C N N 112 
GLU CG   C N N 113 
GLU CD   C N N 114 
GLU OE1  O N N 115 
GLU OE2  O N N 116 
GLU OXT  O N N 117 
GLU H    H N N 118 
GLU H2   H N N 119 
GLU HA   H N N 120 
GLU HB2  H N N 121 
GLU HB3  H N N 122 
GLU HG2  H N N 123 
GLU HG3  H N N 124 
GLU HE2  H N N 125 
GLU HXT  H N N 126 
GLY N    N N N 127 
GLY CA   C N N 128 
GLY C    C N N 129 
GLY O    O N N 130 
GLY OXT  O N N 131 
GLY H    H N N 132 
GLY H2   H N N 133 
GLY HA2  H N N 134 
GLY HA3  H N N 135 
GLY HXT  H N N 136 
HIS N    N N N 137 
HIS CA   C N S 138 
HIS C    C N N 139 
HIS O    O N N 140 
HIS CB   C N N 141 
HIS CG   C Y N 142 
HIS ND1  N Y N 143 
HIS CD2  C Y N 144 
HIS CE1  C Y N 145 
HIS NE2  N Y N 146 
HIS OXT  O N N 147 
HIS H    H N N 148 
HIS H2   H N N 149 
HIS HA   H N N 150 
HIS HB2  H N N 151 
HIS HB3  H N N 152 
HIS HD1  H N N 153 
HIS HD2  H N N 154 
HIS HE1  H N N 155 
HIS HE2  H N N 156 
HIS HXT  H N N 157 
ILE N    N N N 158 
ILE CA   C N S 159 
ILE C    C N N 160 
ILE O    O N N 161 
ILE CB   C N S 162 
ILE CG1  C N N 163 
ILE CG2  C N N 164 
ILE CD1  C N N 165 
ILE OXT  O N N 166 
ILE H    H N N 167 
ILE H2   H N N 168 
ILE HA   H N N 169 
ILE HB   H N N 170 
ILE HG12 H N N 171 
ILE HG13 H N N 172 
ILE HG21 H N N 173 
ILE HG22 H N N 174 
ILE HG23 H N N 175 
ILE HD11 H N N 176 
ILE HD12 H N N 177 
ILE HD13 H N N 178 
ILE HXT  H N N 179 
LEU N    N N N 180 
LEU CA   C N S 181 
LEU C    C N N 182 
LEU O    O N N 183 
LEU CB   C N N 184 
LEU CG   C N N 185 
LEU CD1  C N N 186 
LEU CD2  C N N 187 
LEU OXT  O N N 188 
LEU H    H N N 189 
LEU H2   H N N 190 
LEU HA   H N N 191 
LEU HB2  H N N 192 
LEU HB3  H N N 193 
LEU HG   H N N 194 
LEU HD11 H N N 195 
LEU HD12 H N N 196 
LEU HD13 H N N 197 
LEU HD21 H N N 198 
LEU HD22 H N N 199 
LEU HD23 H N N 200 
LEU HXT  H N N 201 
LYS N    N N N 202 
LYS CA   C N S 203 
LYS C    C N N 204 
LYS O    O N N 205 
LYS CB   C N N 206 
LYS CG   C N N 207 
LYS CD   C N N 208 
LYS CE   C N N 209 
LYS NZ   N N N 210 
LYS OXT  O N N 211 
LYS H    H N N 212 
LYS H2   H N N 213 
LYS HA   H N N 214 
LYS HB2  H N N 215 
LYS HB3  H N N 216 
LYS HG2  H N N 217 
LYS HG3  H N N 218 
LYS HD2  H N N 219 
LYS HD3  H N N 220 
LYS HE2  H N N 221 
LYS HE3  H N N 222 
LYS HZ1  H N N 223 
LYS HZ2  H N N 224 
LYS HZ3  H N N 225 
LYS HXT  H N N 226 
MET N    N N N 227 
MET CA   C N S 228 
MET C    C N N 229 
MET O    O N N 230 
MET CB   C N N 231 
MET CG   C N N 232 
MET SD   S N N 233 
MET CE   C N N 234 
MET OXT  O N N 235 
MET H    H N N 236 
MET H2   H N N 237 
MET HA   H N N 238 
MET HB2  H N N 239 
MET HB3  H N N 240 
MET HG2  H N N 241 
MET HG3  H N N 242 
MET HE1  H N N 243 
MET HE2  H N N 244 
MET HE3  H N N 245 
MET HXT  H N N 246 
PHE N    N N N 247 
PHE CA   C N S 248 
PHE C    C N N 249 
PHE O    O N N 250 
PHE CB   C N N 251 
PHE CG   C Y N 252 
PHE CD1  C Y N 253 
PHE CD2  C Y N 254 
PHE CE1  C Y N 255 
PHE CE2  C Y N 256 
PHE CZ   C Y N 257 
PHE OXT  O N N 258 
PHE H    H N N 259 
PHE H2   H N N 260 
PHE HA   H N N 261 
PHE HB2  H N N 262 
PHE HB3  H N N 263 
PHE HD1  H N N 264 
PHE HD2  H N N 265 
PHE HE1  H N N 266 
PHE HE2  H N N 267 
PHE HZ   H N N 268 
PHE HXT  H N N 269 
PRO N    N N N 270 
PRO CA   C N S 271 
PRO C    C N N 272 
PRO O    O N N 273 
PRO CB   C N N 274 
PRO CG   C N N 275 
PRO CD   C N N 276 
PRO OXT  O N N 277 
PRO H    H N N 278 
PRO HA   H N N 279 
PRO HB2  H N N 280 
PRO HB3  H N N 281 
PRO HG2  H N N 282 
PRO HG3  H N N 283 
PRO HD2  H N N 284 
PRO HD3  H N N 285 
PRO HXT  H N N 286 
SER N    N N N 287 
SER CA   C N S 288 
SER C    C N N 289 
SER O    O N N 290 
SER CB   C N N 291 
SER OG   O N N 292 
SER OXT  O N N 293 
SER H    H N N 294 
SER H2   H N N 295 
SER HA   H N N 296 
SER HB2  H N N 297 
SER HB3  H N N 298 
SER HG   H N N 299 
SER HXT  H N N 300 
THR N    N N N 301 
THR CA   C N S 302 
THR C    C N N 303 
THR O    O N N 304 
THR CB   C N R 305 
THR OG1  O N N 306 
THR CG2  C N N 307 
THR OXT  O N N 308 
THR H    H N N 309 
THR H2   H N N 310 
THR HA   H N N 311 
THR HB   H N N 312 
THR HG1  H N N 313 
THR HG21 H N N 314 
THR HG22 H N N 315 
THR HG23 H N N 316 
THR HXT  H N N 317 
TRP N    N N N 318 
TRP CA   C N S 319 
TRP C    C N N 320 
TRP O    O N N 321 
TRP CB   C N N 322 
TRP CG   C Y N 323 
TRP CD1  C Y N 324 
TRP CD2  C Y N 325 
TRP NE1  N Y N 326 
TRP CE2  C Y N 327 
TRP CE3  C Y N 328 
TRP CZ2  C Y N 329 
TRP CZ3  C Y N 330 
TRP CH2  C Y N 331 
TRP OXT  O N N 332 
TRP H    H N N 333 
TRP H2   H N N 334 
TRP HA   H N N 335 
TRP HB2  H N N 336 
TRP HB3  H N N 337 
TRP HD1  H N N 338 
TRP HE1  H N N 339 
TRP HE3  H N N 340 
TRP HZ2  H N N 341 
TRP HZ3  H N N 342 
TRP HH2  H N N 343 
TRP HXT  H N N 344 
TYR N    N N N 345 
TYR CA   C N S 346 
TYR C    C N N 347 
TYR O    O N N 348 
TYR CB   C N N 349 
TYR CG   C Y N 350 
TYR CD1  C Y N 351 
TYR CD2  C Y N 352 
TYR CE1  C Y N 353 
TYR CE2  C Y N 354 
TYR CZ   C Y N 355 
TYR OH   O N N 356 
TYR OXT  O N N 357 
TYR H    H N N 358 
TYR H2   H N N 359 
TYR HA   H N N 360 
TYR HB2  H N N 361 
TYR HB3  H N N 362 
TYR HD1  H N N 363 
TYR HD2  H N N 364 
TYR HE1  H N N 365 
TYR HE2  H N N 366 
TYR HH   H N N 367 
TYR HXT  H N N 368 
VAL N    N N N 369 
VAL CA   C N S 370 
VAL C    C N N 371 
VAL O    O N N 372 
VAL CB   C N N 373 
VAL CG1  C N N 374 
VAL CG2  C N N 375 
VAL OXT  O N N 376 
VAL H    H N N 377 
VAL H2   H N N 378 
VAL HA   H N N 379 
VAL HB   H N N 380 
VAL HG11 H N N 381 
VAL HG12 H N N 382 
VAL HG13 H N N 383 
VAL HG21 H N N 384 
VAL HG22 H N N 385 
VAL HG23 H N N 386 
VAL HXT  H N N 387 
# 
loop_
_chem_comp_bond.comp_id 
_chem_comp_bond.atom_id_1 
_chem_comp_bond.atom_id_2 
_chem_comp_bond.value_order 
_chem_comp_bond.pdbx_aromatic_flag 
_chem_comp_bond.pdbx_stereo_config 
_chem_comp_bond.pdbx_ordinal 
ALA N   CA   sing N N 1   
ALA N   H    sing N N 2   
ALA N   H2   sing N N 3   
ALA CA  C    sing N N 4   
ALA CA  CB   sing N N 5   
ALA CA  HA   sing N N 6   
ALA C   O    doub N N 7   
ALA C   OXT  sing N N 8   
ALA CB  HB1  sing N N 9   
ALA CB  HB2  sing N N 10  
ALA CB  HB3  sing N N 11  
ALA OXT HXT  sing N N 12  
ARG N   CA   sing N N 13  
ARG N   H    sing N N 14  
ARG N   H2   sing N N 15  
ARG CA  C    sing N N 16  
ARG CA  CB   sing N N 17  
ARG CA  HA   sing N N 18  
ARG C   O    doub N N 19  
ARG C   OXT  sing N N 20  
ARG CB  CG   sing N N 21  
ARG CB  HB2  sing N N 22  
ARG CB  HB3  sing N N 23  
ARG CG  CD   sing N N 24  
ARG CG  HG2  sing N N 25  
ARG CG  HG3  sing N N 26  
ARG CD  NE   sing N N 27  
ARG CD  HD2  sing N N 28  
ARG CD  HD3  sing N N 29  
ARG NE  CZ   sing N N 30  
ARG NE  HE   sing N N 31  
ARG CZ  NH1  sing N N 32  
ARG CZ  NH2  doub N N 33  
ARG NH1 HH11 sing N N 34  
ARG NH1 HH12 sing N N 35  
ARG NH2 HH21 sing N N 36  
ARG NH2 HH22 sing N N 37  
ARG OXT HXT  sing N N 38  
ASN N   CA   sing N N 39  
ASN N   H    sing N N 40  
ASN N   H2   sing N N 41  
ASN CA  C    sing N N 42  
ASN CA  CB   sing N N 43  
ASN CA  HA   sing N N 44  
ASN C   O    doub N N 45  
ASN C   OXT  sing N N 46  
ASN CB  CG   sing N N 47  
ASN CB  HB2  sing N N 48  
ASN CB  HB3  sing N N 49  
ASN CG  OD1  doub N N 50  
ASN CG  ND2  sing N N 51  
ASN ND2 HD21 sing N N 52  
ASN ND2 HD22 sing N N 53  
ASN OXT HXT  sing N N 54  
ASP N   CA   sing N N 55  
ASP N   H    sing N N 56  
ASP N   H2   sing N N 57  
ASP CA  C    sing N N 58  
ASP CA  CB   sing N N 59  
ASP CA  HA   sing N N 60  
ASP C   O    doub N N 61  
ASP C   OXT  sing N N 62  
ASP CB  CG   sing N N 63  
ASP CB  HB2  sing N N 64  
ASP CB  HB3  sing N N 65  
ASP CG  OD1  doub N N 66  
ASP CG  OD2  sing N N 67  
ASP OD2 HD2  sing N N 68  
ASP OXT HXT  sing N N 69  
CYS N   CA   sing N N 70  
CYS N   H    sing N N 71  
CYS N   H2   sing N N 72  
CYS CA  C    sing N N 73  
CYS CA  CB   sing N N 74  
CYS CA  HA   sing N N 75  
CYS C   O    doub N N 76  
CYS C   OXT  sing N N 77  
CYS CB  SG   sing N N 78  
CYS CB  HB2  sing N N 79  
CYS CB  HB3  sing N N 80  
CYS SG  HG   sing N N 81  
CYS OXT HXT  sing N N 82  
GLN N   CA   sing N N 83  
GLN N   H    sing N N 84  
GLN N   H2   sing N N 85  
GLN CA  C    sing N N 86  
GLN CA  CB   sing N N 87  
GLN CA  HA   sing N N 88  
GLN C   O    doub N N 89  
GLN C   OXT  sing N N 90  
GLN CB  CG   sing N N 91  
GLN CB  HB2  sing N N 92  
GLN CB  HB3  sing N N 93  
GLN CG  CD   sing N N 94  
GLN CG  HG2  sing N N 95  
GLN CG  HG3  sing N N 96  
GLN CD  OE1  doub N N 97  
GLN CD  NE2  sing N N 98  
GLN NE2 HE21 sing N N 99  
GLN NE2 HE22 sing N N 100 
GLN OXT HXT  sing N N 101 
GLU N   CA   sing N N 102 
GLU N   H    sing N N 103 
GLU N   H2   sing N N 104 
GLU CA  C    sing N N 105 
GLU CA  CB   sing N N 106 
GLU CA  HA   sing N N 107 
GLU C   O    doub N N 108 
GLU C   OXT  sing N N 109 
GLU CB  CG   sing N N 110 
GLU CB  HB2  sing N N 111 
GLU CB  HB3  sing N N 112 
GLU CG  CD   sing N N 113 
GLU CG  HG2  sing N N 114 
GLU CG  HG3  sing N N 115 
GLU CD  OE1  doub N N 116 
GLU CD  OE2  sing N N 117 
GLU OE2 HE2  sing N N 118 
GLU OXT HXT  sing N N 119 
GLY N   CA   sing N N 120 
GLY N   H    sing N N 121 
GLY N   H2   sing N N 122 
GLY CA  C    sing N N 123 
GLY CA  HA2  sing N N 124 
GLY CA  HA3  sing N N 125 
GLY C   O    doub N N 126 
GLY C   OXT  sing N N 127 
GLY OXT HXT  sing N N 128 
HIS N   CA   sing N N 129 
HIS N   H    sing N N 130 
HIS N   H2   sing N N 131 
HIS CA  C    sing N N 132 
HIS CA  CB   sing N N 133 
HIS CA  HA   sing N N 134 
HIS C   O    doub N N 135 
HIS C   OXT  sing N N 136 
HIS CB  CG   sing N N 137 
HIS CB  HB2  sing N N 138 
HIS CB  HB3  sing N N 139 
HIS CG  ND1  sing Y N 140 
HIS CG  CD2  doub Y N 141 
HIS ND1 CE1  doub Y N 142 
HIS ND1 HD1  sing N N 143 
HIS CD2 NE2  sing Y N 144 
HIS CD2 HD2  sing N N 145 
HIS CE1 NE2  sing Y N 146 
HIS CE1 HE1  sing N N 147 
HIS NE2 HE2  sing N N 148 
HIS OXT HXT  sing N N 149 
ILE N   CA   sing N N 150 
ILE N   H    sing N N 151 
ILE N   H2   sing N N 152 
ILE CA  C    sing N N 153 
ILE CA  CB   sing N N 154 
ILE CA  HA   sing N N 155 
ILE C   O    doub N N 156 
ILE C   OXT  sing N N 157 
ILE CB  CG1  sing N N 158 
ILE CB  CG2  sing N N 159 
ILE CB  HB   sing N N 160 
ILE CG1 CD1  sing N N 161 
ILE CG1 HG12 sing N N 162 
ILE CG1 HG13 sing N N 163 
ILE CG2 HG21 sing N N 164 
ILE CG2 HG22 sing N N 165 
ILE CG2 HG23 sing N N 166 
ILE CD1 HD11 sing N N 167 
ILE CD1 HD12 sing N N 168 
ILE CD1 HD13 sing N N 169 
ILE OXT HXT  sing N N 170 
LEU N   CA   sing N N 171 
LEU N   H    sing N N 172 
LEU N   H2   sing N N 173 
LEU CA  C    sing N N 174 
LEU CA  CB   sing N N 175 
LEU CA  HA   sing N N 176 
LEU C   O    doub N N 177 
LEU C   OXT  sing N N 178 
LEU CB  CG   sing N N 179 
LEU CB  HB2  sing N N 180 
LEU CB  HB3  sing N N 181 
LEU CG  CD1  sing N N 182 
LEU CG  CD2  sing N N 183 
LEU CG  HG   sing N N 184 
LEU CD1 HD11 sing N N 185 
LEU CD1 HD12 sing N N 186 
LEU CD1 HD13 sing N N 187 
LEU CD2 HD21 sing N N 188 
LEU CD2 HD22 sing N N 189 
LEU CD2 HD23 sing N N 190 
LEU OXT HXT  sing N N 191 
LYS N   CA   sing N N 192 
LYS N   H    sing N N 193 
LYS N   H2   sing N N 194 
LYS CA  C    sing N N 195 
LYS CA  CB   sing N N 196 
LYS CA  HA   sing N N 197 
LYS C   O    doub N N 198 
LYS C   OXT  sing N N 199 
LYS CB  CG   sing N N 200 
LYS CB  HB2  sing N N 201 
LYS CB  HB3  sing N N 202 
LYS CG  CD   sing N N 203 
LYS CG  HG2  sing N N 204 
LYS CG  HG3  sing N N 205 
LYS CD  CE   sing N N 206 
LYS CD  HD2  sing N N 207 
LYS CD  HD3  sing N N 208 
LYS CE  NZ   sing N N 209 
LYS CE  HE2  sing N N 210 
LYS CE  HE3  sing N N 211 
LYS NZ  HZ1  sing N N 212 
LYS NZ  HZ2  sing N N 213 
LYS NZ  HZ3  sing N N 214 
LYS OXT HXT  sing N N 215 
MET N   CA   sing N N 216 
MET N   H    sing N N 217 
MET N   H2   sing N N 218 
MET CA  C    sing N N 219 
MET CA  CB   sing N N 220 
MET CA  HA   sing N N 221 
MET C   O    doub N N 222 
MET C   OXT  sing N N 223 
MET CB  CG   sing N N 224 
MET CB  HB2  sing N N 225 
MET CB  HB3  sing N N 226 
MET CG  SD   sing N N 227 
MET CG  HG2  sing N N 228 
MET CG  HG3  sing N N 229 
MET SD  CE   sing N N 230 
MET CE  HE1  sing N N 231 
MET CE  HE2  sing N N 232 
MET CE  HE3  sing N N 233 
MET OXT HXT  sing N N 234 
PHE N   CA   sing N N 235 
PHE N   H    sing N N 236 
PHE N   H2   sing N N 237 
PHE CA  C    sing N N 238 
PHE CA  CB   sing N N 239 
PHE CA  HA   sing N N 240 
PHE C   O    doub N N 241 
PHE C   OXT  sing N N 242 
PHE CB  CG   sing N N 243 
PHE CB  HB2  sing N N 244 
PHE CB  HB3  sing N N 245 
PHE CG  CD1  doub Y N 246 
PHE CG  CD2  sing Y N 247 
PHE CD1 CE1  sing Y N 248 
PHE CD1 HD1  sing N N 249 
PHE CD2 CE2  doub Y N 250 
PHE CD2 HD2  sing N N 251 
PHE CE1 CZ   doub Y N 252 
PHE CE1 HE1  sing N N 253 
PHE CE2 CZ   sing Y N 254 
PHE CE2 HE2  sing N N 255 
PHE CZ  HZ   sing N N 256 
PHE OXT HXT  sing N N 257 
PRO N   CA   sing N N 258 
PRO N   CD   sing N N 259 
PRO N   H    sing N N 260 
PRO CA  C    sing N N 261 
PRO CA  CB   sing N N 262 
PRO CA  HA   sing N N 263 
PRO C   O    doub N N 264 
PRO C   OXT  sing N N 265 
PRO CB  CG   sing N N 266 
PRO CB  HB2  sing N N 267 
PRO CB  HB3  sing N N 268 
PRO CG  CD   sing N N 269 
PRO CG  HG2  sing N N 270 
PRO CG  HG3  sing N N 271 
PRO CD  HD2  sing N N 272 
PRO CD  HD3  sing N N 273 
PRO OXT HXT  sing N N 274 
SER N   CA   sing N N 275 
SER N   H    sing N N 276 
SER N   H2   sing N N 277 
SER CA  C    sing N N 278 
SER CA  CB   sing N N 279 
SER CA  HA   sing N N 280 
SER C   O    doub N N 281 
SER C   OXT  sing N N 282 
SER CB  OG   sing N N 283 
SER CB  HB2  sing N N 284 
SER CB  HB3  sing N N 285 
SER OG  HG   sing N N 286 
SER OXT HXT  sing N N 287 
THR N   CA   sing N N 288 
THR N   H    sing N N 289 
THR N   H2   sing N N 290 
THR CA  C    sing N N 291 
THR CA  CB   sing N N 292 
THR CA  HA   sing N N 293 
THR C   O    doub N N 294 
THR C   OXT  sing N N 295 
THR CB  OG1  sing N N 296 
THR CB  CG2  sing N N 297 
THR CB  HB   sing N N 298 
THR OG1 HG1  sing N N 299 
THR CG2 HG21 sing N N 300 
THR CG2 HG22 sing N N 301 
THR CG2 HG23 sing N N 302 
THR OXT HXT  sing N N 303 
TRP N   CA   sing N N 304 
TRP N   H    sing N N 305 
TRP N   H2   sing N N 306 
TRP CA  C    sing N N 307 
TRP CA  CB   sing N N 308 
TRP CA  HA   sing N N 309 
TRP C   O    doub N N 310 
TRP C   OXT  sing N N 311 
TRP CB  CG   sing N N 312 
TRP CB  HB2  sing N N 313 
TRP CB  HB3  sing N N 314 
TRP CG  CD1  doub Y N 315 
TRP CG  CD2  sing Y N 316 
TRP CD1 NE1  sing Y N 317 
TRP CD1 HD1  sing N N 318 
TRP CD2 CE2  doub Y N 319 
TRP CD2 CE3  sing Y N 320 
TRP NE1 CE2  sing Y N 321 
TRP NE1 HE1  sing N N 322 
TRP CE2 CZ2  sing Y N 323 
TRP CE3 CZ3  doub Y N 324 
TRP CE3 HE3  sing N N 325 
TRP CZ2 CH2  doub Y N 326 
TRP CZ2 HZ2  sing N N 327 
TRP CZ3 CH2  sing Y N 328 
TRP CZ3 HZ3  sing N N 329 
TRP CH2 HH2  sing N N 330 
TRP OXT HXT  sing N N 331 
TYR N   CA   sing N N 332 
TYR N   H    sing N N 333 
TYR N   H2   sing N N 334 
TYR CA  C    sing N N 335 
TYR CA  CB   sing N N 336 
TYR CA  HA   sing N N 337 
TYR C   O    doub N N 338 
TYR C   OXT  sing N N 339 
TYR CB  CG   sing N N 340 
TYR CB  HB2  sing N N 341 
TYR CB  HB3  sing N N 342 
TYR CG  CD1  doub Y N 343 
TYR CG  CD2  sing Y N 344 
TYR CD1 CE1  sing Y N 345 
TYR CD1 HD1  sing N N 346 
TYR CD2 CE2  doub Y N 347 
TYR CD2 HD2  sing N N 348 
TYR CE1 CZ   doub Y N 349 
TYR CE1 HE1  sing N N 350 
TYR CE2 CZ   sing Y N 351 
TYR CE2 HE2  sing N N 352 
TYR CZ  OH   sing N N 353 
TYR OH  HH   sing N N 354 
TYR OXT HXT  sing N N 355 
VAL N   CA   sing N N 356 
VAL N   H    sing N N 357 
VAL N   H2   sing N N 358 
VAL CA  C    sing N N 359 
VAL CA  CB   sing N N 360 
VAL CA  HA   sing N N 361 
VAL C   O    doub N N 362 
VAL C   OXT  sing N N 363 
VAL CB  CG1  sing N N 364 
VAL CB  CG2  sing N N 365 
VAL CB  HB   sing N N 366 
VAL CG1 HG11 sing N N 367 
VAL CG1 HG12 sing N N 368 
VAL CG1 HG13 sing N N 369 
VAL CG2 HG21 sing N N 370 
VAL CG2 HG22 sing N N 371 
VAL CG2 HG23 sing N N 372 
VAL OXT HXT  sing N N 373 
# 
loop_
_pdbx_coordinate_model.asym_id 
_pdbx_coordinate_model.type 
A 'CA ATOMS ONLY' 
B 'CA ATOMS ONLY' 
# 
_atom_sites.entry_id                    1CPB 
_atom_sites.fract_transf_matrix[1][1]   -0.00779872 
_atom_sites.fract_transf_matrix[1][2]   -0.01072956 
_atom_sites.fract_transf_matrix[1][3]   0.01630364 
_atom_sites.fract_transf_matrix[2][1]   0.00484497 
_atom_sites.fract_transf_matrix[2][2]   -0.02029665 
_atom_sites.fract_transf_matrix[2][3]   0.00250730 
_atom_sites.fract_transf_matrix[3][1]   0.00759717 
_atom_sites.fract_transf_matrix[3][2]   0.00246263 
_atom_sites.fract_transf_matrix[3][3]   0.00525472 
_atom_sites.fract_transf_vector[1]      0.415640 
_atom_sites.fract_transf_vector[2]      0.257241 
_atom_sites.fract_transf_vector[3]      0.662639 
# 
_atom_type.symbol   C 
# 
loop_
_atom_site.group_PDB 
_atom_site.id 
_atom_site.type_symbol 
_atom_site.label_atom_id 
_atom_site.label_alt_id 
_atom_site.label_comp_id 
_atom_site.label_asym_id 
_atom_site.label_entity_id 
_atom_site.label_seq_id 
_atom_site.pdbx_PDB_ins_code 
_atom_site.Cartn_x 
_atom_site.Cartn_y 
_atom_site.Cartn_z 
_atom_site.occupancy 
_atom_site.B_iso_or_equiv 
_atom_site.pdbx_formal_charge 
_atom_site.auth_seq_id 
_atom_site.auth_comp_id 
_atom_site.auth_asym_id 
_atom_site.auth_atom_id 
_atom_site.pdbx_PDB_model_num 
ATOM 1   C CA . THR A 1 1   ? 24.023  -0.609  -9.545  1.00 0.00 ? 4   THR A CA 1 
ATOM 2   C CA . THR A 1 2   ? 22.282  -0.836  -12.996 1.00 0.00 ? 5   THR A CA 1 
ATOM 3   C CA . GLY A 1 3   ? 19.732  1.757   -13.494 1.00 0.00 ? 6   GLY A CA 1 
ATOM 4   C CA . HIS A 1 4   ? 17.945  2.325   -10.303 1.00 0.00 ? 7   HIS A CA 1 
ATOM 5   C CA . SER A 1 5   ? 14.800  4.571   -10.098 1.00 0.00 ? 8   SER A CA 1 
ATOM 6   C CA . TYR A 1 6   ? 11.461  6.040   -11.532 1.00 0.00 ? 9   TYR A CA 1 
ATOM 7   C CA . GLU A 1 7   ? 10.875  5.628   -15.360 1.00 0.00 ? 10  GLU A CA 1 
ATOM 8   C CA . LYS A 1 8   ? 11.220  1.869   -15.340 1.00 0.00 ? 11  LYS A CA 1 
ATOM 9   C CA . TYR A 1 9   ? 10.498  -0.959  -12.971 1.00 0.00 ? 12  TYR A CA 1 
ATOM 10  C CA . ASN A 1 10  ? 13.182  -1.892  -10.423 1.00 0.00 ? 13  ASN A CA 1 
ATOM 11  C CA . ASN A 1 11  ? 14.055  -4.884  -8.289  1.00 0.00 ? 14  ASN A CA 1 
ATOM 12  C CA . TRP A 1 12  ? 14.112  -5.168  -4.444  1.00 0.00 ? 15  TRP A CA 1 
ATOM 13  C CA . GLU A 1 13  ? 17.779  -4.531  -4.284  1.00 0.00 ? 16  GLU A CA 1 
ATOM 14  C CA . THR A 1 14  ? 17.796  -1.471  -6.484  1.00 0.00 ? 17  THR A CA 1 
ATOM 15  C CA . ILE A 1 15  ? 15.068  0.111   -4.245  1.00 0.00 ? 18  ILE A CA 1 
ATOM 16  C CA . GLU A 1 16  ? 16.144  -1.018  -0.758  1.00 0.00 ? 19  GLU A CA 1 
ATOM 17  C CA . ALA A 1 17  ? 19.225  0.771   -2.016  1.00 0.00 ? 20  ALA A CA 1 
ATOM 18  C CA . TRP A 1 18  ? 17.210  3.807   -3.255  1.00 0.00 ? 21  TRP A CA 1 
ATOM 19  C CA . THR A 1 19  ? 15.979  4.287   0.361   1.00 0.00 ? 22  THR A CA 1 
ATOM 20  C CA . GLU A 1 20  ? 19.512  4.071   1.554   1.00 0.00 ? 23  GLU A CA 1 
ATOM 21  C CA . GLN A 1 21  ? 20.411  7.013   -0.777  1.00 0.00 ? 24  GLN A CA 1 
ATOM 22  C CA . VAL A 1 22  ? 17.240  8.892   -0.459  1.00 0.00 ? 25  VAL A CA 1 
ATOM 23  C CA . ALA A 1 23  ? 18.035  8.834   3.172   1.00 0.00 ? 26  ALA A CA 1 
ATOM 24  C CA . SER A 1 24  ? 21.077  10.882  3.187   1.00 0.00 ? 27  SER A CA 1 
ATOM 25  C CA . GLU A 1 25  ? 20.554  13.381  0.731   1.00 0.00 ? 28  GLU A CA 1 
ATOM 26  C CA . ASN A 1 26  ? 17.965  14.202  3.267   1.00 0.00 ? 29  ASN A CA 1 
ATOM 27  C CA . PRO A 1 27  ? 19.108  12.997  6.580   1.00 0.00 ? 30  PRO A CA 1 
ATOM 28  C CA . ASP A 1 28  ? 16.897  15.673  8.301   1.00 0.00 ? 31  ASP A CA 1 
ATOM 29  C CA . LEU A 1 29  ? 13.509  14.701  6.778   1.00 0.00 ? 32  LEU A CA 1 
ATOM 30  C CA . ILE A 1 30  ? 14.024  11.034  5.827   1.00 0.00 ? 33  ILE A CA 1 
ATOM 31  C CA . SER A 1 31  ? 15.025  8.373   8.455   1.00 0.00 ? 34  SER A CA 1 
ATOM 32  C CA . ARG A 1 32  ? 15.062  4.621   7.382   1.00 0.00 ? 35  ARG A CA 1 
ATOM 33  C CA . SER A 1 33  ? 13.596  2.392   10.091  1.00 0.00 ? 36  SER A CA 1 
ATOM 34  C CA . ALA A 1 34  ? 12.678  -1.248  10.242  1.00 0.00 ? 37  ALA A CA 1 
ATOM 35  C CA . ILE A 1 35  ? 9.210   -2.258  11.203  1.00 0.00 ? 38  ILE A CA 1 
ATOM 36  C CA . GLY A 1 36  ? 9.960   -5.987  11.446  1.00 0.00 ? 39  GLY A CA 1 
ATOM 37  C CA . THR A 1 37  ? 11.386  -8.599  9.120   1.00 0.00 ? 40  THR A CA 1 
ATOM 38  C CA . THR A 1 38  ? 9.524   -10.630 6.524   1.00 0.00 ? 41  THR A CA 1 
ATOM 39  C CA . PHE A 1 39  ? 8.721   -14.297 6.285   1.00 0.00 ? 42  PHE A CA 1 
ATOM 40  C CA . LEU A 1 40  ? 12.126  -14.815 4.662   1.00 0.00 ? 43  LEU A CA 1 
ATOM 41  C CA . GLY A 1 41  ? 14.064  -12.341 6.787   1.00 0.00 ? 44  GLY A CA 1 
ATOM 42  C CA . ASN A 1 42  ? 13.838  -9.540  4.214   1.00 0.00 ? 45  ASN A CA 1 
ATOM 43  C CA . THR A 1 43  ? 13.867  -6.319  6.337   1.00 0.00 ? 46  THR A CA 1 
ATOM 44  C CA . ILE A 1 44  ? 10.482  -4.517  6.216   1.00 0.00 ? 47  ILE A CA 1 
ATOM 45  C CA . TYR A 1 45  ? 11.550  -0.845  5.733   1.00 0.00 ? 48  TYR A CA 1 
ATOM 46  C CA . LEU A 1 46  ? 9.490   2.263   6.615   1.00 0.00 ? 49  LEU A CA 1 
ATOM 47  C CA . LEU A 1 47  ? 10.619  5.848   5.718   1.00 0.00 ? 50  LEU A CA 1 
ATOM 48  C CA . LYS A 1 48  ? 10.085  8.822   8.153   1.00 0.00 ? 51  LYS A CA 1 
ATOM 49  C CA . VAL A 1 49  ? 9.673   12.200  6.351   1.00 0.00 ? 52  VAL A CA 1 
ATOM 50  C CA . GLY A 1 50  ? 9.432   14.607  9.226   1.00 0.00 ? 53  GLY A CA 1 
ATOM 51  C CA . LYS A 1 51  ? 10.663  18.093  9.697   1.00 0.00 ? 54  LYS A CA 1 
ATOM 52  C CA . PRO A 1 52  ? 11.630  18.295  13.369  1.00 0.00 ? 55  PRO A CA 1 
ATOM 53  C CA . GLY A 1 53  ? 10.970  15.448  15.658  1.00 0.00 ? 56  GLY A CA 1 
ATOM 54  C CA . SER A 1 54  ? 8.020   16.418  17.841  1.00 0.00 ? 57  SER A CA 1 
ATOM 55  C CA . ASN A 1 55  ? 6.774   12.742  18.087  1.00 0.00 ? 58  ASN A CA 1 
ATOM 56  C CA . LYS A 1 56  ? 3.881   13.917  15.821  1.00 0.00 ? 59  LYS A CA 1 
ATOM 57  C CA . PRO A 1 57  ? 0.797   13.314  13.592  1.00 0.00 ? 60  PRO A CA 1 
ATOM 58  C CA . ALA A 1 58  ? 1.630   11.108  10.653  1.00 0.00 ? 61  ALA A CA 1 
ATOM 59  C CA . VAL A 1 59  ? 0.010   9.935   7.458   1.00 0.00 ? 62  VAL A CA 1 
ATOM 60  C CA . PHE A 1 60  ? 0.823   6.329   6.882   1.00 0.00 ? 63  PHE A CA 1 
ATOM 61  C CA . MET A 1 61  ? 1.089   4.744   3.449   1.00 0.00 ? 64  MET A CA 1 
ATOM 62  C CA . ASP A 1 62  ? 2.020   1.503   1.923   1.00 0.00 ? 65  ASP A CA 1 
ATOM 63  C CA . CYS A 1 63  ? 2.208   -0.004  -1.381  1.00 0.00 ? 66  CYS A CA 1 
ATOM 64  C CA . GLY A 1 64  ? 3.555   -3.384  -2.386  1.00 0.00 ? 67  GLY A CA 1 
ATOM 65  C CA . PHE A 1 65  ? 0.910   -5.402  -0.591  1.00 0.00 ? 68  PHE A CA 1 
ATOM 66  C CA . HIS A 1 66  ? -0.164  -7.007  -4.023  1.00 0.00 ? 69  HIS A CA 1 
ATOM 67  C CA . ALA A 1 67  ? 3.276   -7.814  -5.178  1.00 0.00 ? 70  ALA A CA 1 
ATOM 68  C CA . ARG A 1 68  ? 2.066   -7.962  -8.774  1.00 0.00 ? 71  ARG A CA 1 
ATOM 69  C CA . GLU A 1 69  ? 0.975   -4.311  -8.720  1.00 0.00 ? 72  GLU A CA 1 
ATOM 70  C CA . TRP A 1 70  ? 4.532   -3.177  -9.674  1.00 0.00 ? 73  TRP A CA 1 
ATOM 71  C CA . ILE A 1 71  ? 3.097   0.379   -10.307 1.00 0.00 ? 74  ILE A CA 1 
ATOM 72  C CA . SER A 1 72  ? 2.452   0.843   -6.501  1.00 0.00 ? 75  SER A CA 1 
ATOM 73  C CA . PRO A 1 73  ? 5.986   0.293   -5.136  1.00 0.00 ? 76  PRO A CA 1 
ATOM 74  C CA . ALA A 1 74  ? 7.079   2.133   -8.219  1.00 0.00 ? 77  ALA A CA 1 
ATOM 75  C CA . PHE A 1 75  ? 4.985   5.143   -7.433  1.00 0.00 ? 78  PHE A CA 1 
ATOM 76  C CA . CYS A 1 76  ? 5.803   5.147   -3.727  1.00 0.00 ? 79  CYS A CA 1 
ATOM 77  C CA . GLN A 1 77  ? 9.385   4.984   -4.914  1.00 0.00 ? 80  GLN A CA 1 
ATOM 78  C CA . TRP A 1 78  ? 8.658   8.455   -6.413  1.00 0.00 ? 81  TRP A CA 1 
ATOM 79  C CA . PHE A 1 79  ? 5.791   9.497   -4.207  1.00 0.00 ? 82  PHE A CA 1 
ATOM 80  C CA . VAL A 1 80  ? 5.481   11.765  -1.207  1.00 0.00 ? 83  VAL A CA 1 
ATOM 81  C CA . ARG A 1 81  ? 9.403   12.421  -1.475  1.00 0.00 ? 84  ARG A CA 1 
ATOM 82  C CA . GLU A 1 82  ? 11.402  15.127  -2.969  1.00 0.00 ? 85  GLU A CA 1 
ATOM 83  C CA . GLU B 2 1   ? 5.418   23.546  -2.393  1.00 0.00 ? 93  GLU B CA 1 
ATOM 84  C CA . ILE B 2 2   ? 3.542   25.194  0.615   1.00 0.00 ? 94  ILE B CA 1 
ATOM 85  C CA . HIS B 2 3   ? 0.438   23.016  0.751   1.00 0.00 ? 95  HIS B CA 1 
ATOM 86  C CA . MET B 2 4   ? 3.119   20.218  1.203   1.00 0.00 ? 96  MET B CA 1 
ATOM 87  C CA . THR B 2 5   ? 5.470   22.180  3.355   1.00 0.00 ? 97  THR B CA 1 
ATOM 88  C CA . GLU B 2 6   ? 2.668   23.227  5.809   1.00 0.00 ? 98  GLU B CA 1 
ATOM 89  C CA . PHE B 2 7   ? 1.980   19.412  5.692   1.00 0.00 ? 99  PHE B CA 1 
ATOM 90  C CA . LEU B 2 8   ? 5.472   17.940  6.357   1.00 0.00 ? 100 LEU B CA 1 
ATOM 91  C CA . ASP B 2 9   ? 5.990   20.607  9.049   1.00 0.00 ? 101 ASP B CA 1 
ATOM 92  C CA . LYS B 2 10  ? 2.741   19.598  10.896  1.00 0.00 ? 102 LYS B CA 1 
ATOM 93  C CA . LEU B 2 11  ? 2.656   15.811  10.535  1.00 0.00 ? 103 LEU B CA 1 
ATOM 94  C CA . ASP B 2 12  ? 4.967   13.082  9.292   1.00 0.00 ? 104 ASP B CA 1 
ATOM 95  C CA . PHE B 2 13  ? 4.697   10.801  6.368   1.00 0.00 ? 105 PHE B CA 1 
ATOM 96  C CA . TYR B 2 14  ? 5.196   7.204   7.175   1.00 0.00 ? 106 TYR B CA 1 
ATOM 97  C CA . VAL B 2 15  ? 5.526   5.761   3.664   1.00 0.00 ? 107 VAL B CA 1 
ATOM 98  C CA . LEU B 2 16  ? 6.171   1.986   3.338   1.00 0.00 ? 108 LEU B CA 1 
ATOM 99  C CA . PRO B 2 17  ? 7.452   1.504   -0.215  1.00 0.00 ? 109 PRO B CA 1 
ATOM 100 C CA . VAL B 2 18  ? 7.000   -2.245  -0.439  1.00 0.00 ? 110 VAL B CA 1 
ATOM 101 C CA . VAL B 2 19  ? 5.033   -4.198  2.127   1.00 0.00 ? 111 VAL B CA 1 
ATOM 102 C CA . ASN B 2 20  ? 5.021   -7.739  0.535   1.00 0.00 ? 112 ASN B CA 1 
ATOM 103 C CA . ILE B 2 21  ? 8.733   -7.631  0.167   1.00 0.00 ? 113 ILE B CA 1 
ATOM 104 C CA . ASP B 2 22  ? 9.148   -11.405 -0.342  1.00 0.00 ? 114 ASP B CA 1 
ATOM 105 C CA . GLY B 2 23  ? 6.445   -11.323 -3.041  1.00 0.00 ? 115 GLY B CA 1 
ATOM 106 C CA . TYR B 2 24  ? 7.949   -8.490  -5.197  1.00 0.00 ? 116 TYR B CA 1 
ATOM 107 C CA . ILE B 2 25  ? 11.184  -10.504 -5.248  1.00 0.00 ? 117 ILE B CA 1 
ATOM 108 C CA . TYR B 2 26  ? 8.897   -13.430 -6.074  1.00 0.00 ? 118 TYR B CA 1 
ATOM 109 C CA . THR B 2 27  ? 7.026   -11.548 -8.786  1.00 0.00 ? 119 THR B CA 1 
ATOM 110 C CA . TRP B 2 28  ? 10.518  -11.197 -10.463 1.00 0.00 ? 120 TRP B CA 1 
ATOM 111 C CA . THR B 2 29  ? 12.254  -14.497 -9.993  1.00 0.00 ? 121 THR B CA 1 
ATOM 112 C CA . THR B 2 30  ? 9.431   -16.763 -11.142 1.00 0.00 ? 122 THR B CA 1 
ATOM 113 C CA . ASN B 2 31  ? 5.756   -15.438 -11.342 1.00 0.00 ? 123 ASN B CA 1 
ATOM 114 C CA . ARG B 2 32  ? 5.465   -11.671 -12.065 1.00 0.00 ? 124 ARG B CA 1 
ATOM 115 C CA . MET B 2 33  ? 1.808   -12.519 -11.856 1.00 0.00 ? 125 MET B CA 1 
ATOM 116 C CA . TRP B 2 34  ? 1.824   -13.323 -8.126  1.00 0.00 ? 126 TRP B CA 1 
ATOM 117 C CA . ARG B 2 35  ? 0.176   -11.342 -5.452  1.00 0.00 ? 127 ARG B CA 1 
ATOM 118 C CA . LYS B 2 36  ? 0.191   -13.290 -2.072  1.00 0.00 ? 128 LYS B CA 1 
ATOM 119 C CA . THR B 2 37  ? 3.016   -13.694 0.375   1.00 0.00 ? 129 THR B CA 1 
ATOM 120 C CA . ARG B 2 38  ? 5.459   -16.601 0.100   1.00 0.00 ? 130 ARG B CA 1 
ATOM 121 C CA . SER B 2 39  ? 4.491   -17.511 3.659   1.00 0.00 ? 131 SER B CA 1 
ATOM 122 C CA . THR B 2 40  ? 4.488   -21.262 4.322   1.00 0.00 ? 132 THR B CA 1 
ATOM 123 C CA . ARG B 2 41  ? 3.072   -23.865 6.730   1.00 0.00 ? 133 ARG B CA 1 
ATOM 124 C CA . ALA B 2 42  ? -0.388  -25.644 6.850   1.00 0.00 ? 134 ALA B CA 1 
ATOM 125 C CA . GLY B 2 43  ? -1.986  -28.537 5.021   1.00 0.00 ? 135 GLY B CA 1 
ATOM 126 C CA . SER B 2 44  ? -1.122  -27.293 1.548   1.00 0.00 ? 136 SER B CA 1 
ATOM 127 C CA . SER B 2 45  ? 1.634   -26.784 -0.737  1.00 0.00 ? 137 SER B CA 1 
ATOM 128 C CA . CYS B 2 46  ? 0.030   -23.568 -1.884  1.00 0.00 ? 138 CYS B CA 1 
ATOM 129 C CA . THR B 2 47  ? 1.993   -20.571 -0.546  1.00 0.00 ? 139 THR B CA 1 
ATOM 130 C CA . GLY B 2 48  ? 1.080   -16.940 0.205   1.00 0.00 ? 140 GLY B CA 1 
ATOM 131 C CA . THR B 2 49  ? -1.676  -15.467 2.233   1.00 0.00 ? 141 THR B CA 1 
ATOM 132 C CA . ASP B 2 50  ? -3.240  -12.403 1.001   1.00 0.00 ? 142 ASP B CA 1 
ATOM 133 C CA . LEU B 2 51  ? -1.731  -9.580  3.142   1.00 0.00 ? 143 LEU B CA 1 
ATOM 134 C CA . ASN B 2 52  ? -4.826  -7.336  2.399   1.00 0.00 ? 144 ASN B CA 1 
ATOM 135 C CA . ARG B 2 53  ? -6.942  -10.232 3.568   1.00 0.00 ? 145 ARG B CA 1 
ATOM 136 C CA . ASN B 2 54  ? -5.153  -10.904 6.807   1.00 0.00 ? 146 ASN B CA 1 
ATOM 137 C CA . PHE B 2 55  ? -5.867  -7.561  8.576   1.00 0.00 ? 147 PHE B CA 1 
ATOM 138 C CA . ASP B 2 56  ? -8.573  -8.047  11.319  1.00 0.00 ? 148 ASP B CA 1 
ATOM 139 C CA . ALA B 2 57  ? -11.644 -6.521  9.663   1.00 0.00 ? 149 ALA B CA 1 
ATOM 140 C CA . GLY B 2 58  ? -14.547 -8.929  9.629   1.00 0.00 ? 150 GLY B CA 1 
ATOM 141 C CA . TRP B 2 59  ? -11.655 -11.392 9.245   1.00 0.00 ? 151 TRP B CA 1 
ATOM 142 C CA . CYS B 2 60  ? -12.187 -14.424 6.864   1.00 0.00 ? 152 CYS B CA 1 
ATOM 143 C CA . SER B 2 61  ? -15.797 -13.526 6.263   1.00 0.00 ? 153 SER B CA 1 
ATOM 144 C CA . ILE B 2 62  ? -17.012 -13.694 2.730   1.00 0.00 ? 154 ILE B CA 1 
ATOM 145 C CA . GLY B 2 63  ? -14.809 -11.563 0.579   1.00 0.00 ? 155 GLY B CA 1 
ATOM 146 C CA . ALA B 2 64  ? -12.251 -14.105 1.243   1.00 0.00 ? 156 ALA B CA 1 
ATOM 147 C CA . SER B 2 65  ? -11.760 -17.824 0.655   1.00 0.00 ? 157 SER B CA 1 
ATOM 148 C CA . ASN B 2 66  ? -10.464 -20.028 3.409   1.00 0.00 ? 158 ASN B CA 1 
ATOM 149 C CA . ASN B 2 67  ? -8.266  -22.188 1.191   1.00 0.00 ? 159 ASN B CA 1 
ATOM 150 C CA . PRO B 2 68  ? -4.666  -21.355 0.922   1.00 0.00 ? 160 PRO B CA 1 
ATOM 151 C CA . CYS B 2 69  ? -4.530  -22.390 -2.526  1.00 0.00 ? 161 CYS B CA 1 
ATOM 152 C CA . SER B 2 70  ? -6.908  -19.531 -3.046  1.00 0.00 ? 162 SER B CA 1 
ATOM 153 C CA . GLU B 2 71  ? -5.563  -16.432 -4.678  1.00 0.00 ? 163 GLU B CA 1 
ATOM 154 C CA . THR B 2 72  ? -8.066  -14.694 -2.476  1.00 0.00 ? 164 THR B CA 1 
ATOM 155 C CA . TYR B 2 73  ? -6.444  -16.633 0.285   1.00 0.00 ? 165 TYR B CA 1 
ATOM 156 C CA . CYS B 2 74  ? -7.026  -15.130 3.825   1.00 0.00 ? 166 CYS B CA 1 
ATOM 157 C CA . GLY B 2 75  ? -4.803  -17.010 6.293   1.00 0.00 ? 167 GLY B CA 1 
ATOM 158 C CA . SER B 2 76  ? -4.820  -19.038 9.461   1.00 0.00 ? 168 SER B CA 1 
ATOM 159 C CA . ALA B 2 77  ? -5.361  -15.974 11.695  1.00 0.00 ? 169 ALA B CA 1 
ATOM 160 C CA . ALA B 2 78  ? -5.924  -12.270 12.000  1.00 0.00 ? 170 ALA B CA 1 
ATOM 161 C CA . GLU B 2 79  ? -2.496  -10.898 11.558  1.00 0.00 ? 171 GLU B CA 1 
ATOM 162 C CA . SER B 2 80  ? -0.724  -14.247 11.312  1.00 0.00 ? 172 SER B CA 1 
ATOM 163 C CA . GLU B 2 81  ? 1.088   -12.395 8.511   1.00 0.00 ? 173 GLU B CA 1 
ATOM 164 C CA . LYS B 2 82  ? 4.215   -10.783 9.614   1.00 0.00 ? 174 LYS B CA 1 
ATOM 165 C CA . GLU B 2 83  ? 4.172   -8.338  6.810   1.00 0.00 ? 175 GLU B CA 1 
ATOM 166 C CA . SER B 2 84  ? 0.861   -7.291  8.360   1.00 0.00 ? 176 SER B CA 1 
ATOM 167 C CA . LYS B 2 85  ? 1.446   -7.367  12.160  1.00 0.00 ? 177 LYS B CA 1 
ATOM 168 C CA . ALA B 2 86  ? 4.726   -5.500  11.621  1.00 0.00 ? 178 ALA B CA 1 
ATOM 169 C CA . VAL B 2 87  ? 2.291   -2.859  10.387  1.00 0.00 ? 179 VAL B CA 1 
ATOM 170 C CA . ALA B 2 88  ? -0.561  -3.446  12.874  1.00 0.00 ? 180 ALA B CA 1 
ATOM 171 C CA . ASP B 2 89  ? 1.774   -2.960  15.709  1.00 0.00 ? 181 ASP B CA 1 
ATOM 172 C CA . PHE B 2 90  ? 3.787   -0.085  14.380  1.00 0.00 ? 182 PHE B CA 1 
ATOM 173 C CA . ILE B 2 91  ? 0.478   1.799   13.935  1.00 0.00 ? 183 ILE B CA 1 
ATOM 174 C CA . ARG B 2 92  ? -0.746  0.408   17.322  1.00 0.00 ? 184 ARG B CA 1 
ATOM 175 C CA . ASN B 2 93  ? 2.561   1.689   18.854  1.00 0.00 ? 185 ASN B CA 1 
ATOM 176 C CA . HIS B 2 94  ? 2.336   5.121   17.318  1.00 0.00 ? 186 HIS B CA 1 
ATOM 177 C CA . LEU B 2 95  ? -1.366  5.583   17.098  1.00 0.00 ? 187 LEU B CA 1 
ATOM 178 C CA . SER B 2 96  ? -1.082  9.409   18.331  1.00 0.00 ? 188 SER B CA 1 
ATOM 179 C CA . SER B 2 97  A -1.023  10.159  13.516  1.00 0.00 ? 188 SER B CA 1 
ATOM 180 C CA . ILE B 2 98  ? -2.259  8.521   12.643  1.00 0.00 ? 189 ILE B CA 1 
ATOM 181 C CA . LYS B 2 99  ? -5.037  10.422  11.181  1.00 0.00 ? 190 LYS B CA 1 
ATOM 182 C CA . ALA B 2 100 ? -4.580  8.878   7.714   1.00 0.00 ? 191 ALA B CA 1 
ATOM 183 C CA . TYR B 2 101 ? -3.765  5.423   6.503   1.00 0.00 ? 192 TYR B CA 1 
ATOM 184 C CA . LEU B 2 102 ? -3.450  5.085   2.800   1.00 0.00 ? 193 LEU B CA 1 
ATOM 185 C CA . THR B 2 103 ? -3.284  1.730   1.101   1.00 0.00 ? 194 THR B CA 1 
ATOM 186 C CA . ILE B 2 104 ? -2.478  2.104   -2.644  1.00 0.00 ? 195 ILE B CA 1 
ATOM 187 C CA . HIS B 2 105 ? -3.077  -0.893  -4.953  1.00 0.00 ? 196 HIS B CA 1 
ATOM 188 C CA . SER B 2 106 ? -3.150  -1.713  -8.522  1.00 0.00 ? 197 SER B CA 1 
ATOM 189 C CA . TYR B 2 107 ? -5.444  -1.920  -11.412 1.00 0.00 ? 198 TYR B CA 1 
ATOM 190 C CA . SER B 2 108 ? -9.167  -0.676  -11.676 1.00 0.00 ? 199 SER B CA 1 
ATOM 191 C CA . GLN B 2 109 ? -8.712  3.073   -11.242 1.00 0.00 ? 200 GLN B CA 1 
ATOM 192 C CA . MET B 2 110 ? -10.629 3.107   -7.994  1.00 0.00 ? 201 MET B CA 1 
ATOM 193 C CA . MET B 2 111 ? -10.394 5.069   -4.687  1.00 0.00 ? 202 MET B CA 1 
ATOM 194 C CA . LEU B 2 112 ? -12.463 3.667   -1.876  1.00 0.00 ? 203 LEU B CA 1 
ATOM 195 C CA . TYR B 2 113 ? -13.205 4.378   1.634   1.00 0.00 ? 204 TYR B CA 1 
ATOM 196 C CA . PRO B 2 114 ? -14.056 1.576   3.985   1.00 0.00 ? 205 PRO B CA 1 
ATOM 197 C CA . TYR B 2 115 ? -16.248 -1.158  4.884   1.00 0.00 ? 206 TYR B CA 1 
ATOM 198 C CA . SER B 2 116 ? -15.413 -3.860  2.586   1.00 0.00 ? 207 SER B CA 1 
ATOM 199 C CA . TYR B 2 117 ? -16.723 -6.473  4.940   1.00 0.00 ? 208 TYR B CA 1 
ATOM 200 C CA . ASP B 2 118 ? -20.199 -5.026  5.489   1.00 0.00 ? 209 ASP B CA 1 
ATOM 201 C CA . TYR B 2 119 ? -22.996 -2.857  4.231   1.00 0.00 ? 210 TYR B CA 1 
ATOM 202 C CA . LYS B 2 120 ? -22.537 -0.997  7.553   1.00 0.00 ? 211 LYS B CA 1 
ATOM 203 C CA . LEU B 2 121 ? -22.200 2.559   6.338   1.00 0.00 ? 212 LEU B CA 1 
ATOM 204 C CA . PRO B 2 122 ? -19.100 4.245   7.729   1.00 0.00 ? 213 PRO B CA 1 
ATOM 205 C CA . LYS B 2 123 ? -20.313 6.678   10.427  1.00 0.00 ? 214 LYS B CA 1 
ATOM 206 C CA . ASN B 2 124 ? -18.474 8.831   8.138   1.00 0.00 ? 215 ASN B CA 1 
ATOM 207 C CA . ASN B 2 125 ? -19.384 8.556   4.812   1.00 0.00 ? 216 ASN B CA 1 
ATOM 208 C CA . VAL B 2 126 ? -16.395 5.158   1.269   1.00 0.00 ? 217 VAL B CA 1 
ATOM 209 C CA . GLU B 2 127 ? -12.523 5.951   1.802   1.00 0.00 ? 218 GLU B CA 1 
ATOM 210 C CA . LEU B 2 128 ? -13.717 8.760   2.240   1.00 0.00 ? 219 LEU B CA 1 
ATOM 211 C CA . ASN B 2 129 ? -15.236 6.958   -1.126  1.00 0.00 ? 220 ASN B CA 1 
ATOM 212 C CA . THR B 2 130 ? -10.686 4.177   -4.084  1.00 0.00 ? 221 THR B CA 1 
ATOM 213 C CA . LEU B 2 131 ? -8.273  6.116   -2.680  1.00 0.00 ? 222 LEU B CA 1 
ATOM 214 C CA . ALA B 2 132 ? -10.983 7.886   -3.495  1.00 0.00 ? 223 ALA B CA 1 
ATOM 215 C CA . LYS B 2 133 ? -9.902  4.766   -7.919  1.00 0.00 ? 224 LYS B CA 1 
ATOM 216 C CA . GLY B 2 134 ? -5.133  3.700   -8.956  1.00 0.00 ? 225 GLY B CA 1 
ATOM 217 C CA . ALA B 2 135 ? -5.778  7.023   -6.527  1.00 0.00 ? 226 ALA B CA 1 
ATOM 218 C CA . VAL B 2 136 ? -7.444  6.839   -9.518  1.00 0.00 ? 227 VAL B CA 1 
ATOM 219 C CA . LYS B 2 137 ? -3.956  3.402   -13.602 1.00 0.00 ? 228 LYS B CA 1 
ATOM 220 C CA . LYS B 2 138 ? -0.351  4.282   -13.339 1.00 0.00 ? 229 LYS B CA 1 
ATOM 221 C CA . LEU B 2 139 ? -2.708  7.287   -12.244 1.00 0.00 ? 230 LEU B CA 1 
ATOM 222 C CA . ALA B 2 140 ? -3.341  5.200   -16.321 1.00 0.00 ? 231 ALA B CA 1 
ATOM 223 C CA . SER B 2 141 ? 1.444   2.604   -19.598 1.00 0.00 ? 232 SER B CA 1 
ATOM 224 C CA . LEU B 2 142 ? 2.788   4.844   -19.327 1.00 0.00 ? 233 LEU B CA 1 
ATOM 225 C CA . HIS B 2 143 ? -0.129  6.250   -20.360 1.00 0.00 ? 234 HIS B CA 1 
ATOM 226 C CA . GLY B 2 144 ? -3.541  5.282   -19.640 1.00 0.00 ? 235 GLY B CA 1 
ATOM 227 C CA . THR B 2 145 ? -7.483  8.512   -15.820 1.00 0.00 ? 236 THR B CA 1 
ATOM 228 C CA . THR B 2 146 ? -11.366 7.989   -15.017 1.00 0.00 ? 237 THR B CA 1 
ATOM 229 C CA . TYR B 2 147 ? -11.681 7.228   -11.354 1.00 0.00 ? 238 TYR B CA 1 
ATOM 230 C CA . SER B 2 148 ? -14.598 5.641   -9.645  1.00 0.00 ? 239 SER B CA 1 
ATOM 231 C CA . TYR B 2 149 ? -15.137 6.095   -5.923  1.00 0.00 ? 240 TYR B CA 1 
ATOM 232 C CA . GLY B 2 150 ? -17.204 4.856   -2.961  1.00 0.00 ? 241 GLY B CA 1 
ATOM 233 C CA . PRO B 2 151 ? -17.321 2.159   -0.294  1.00 0.00 ? 242 PRO B CA 1 
ATOM 234 C CA . GLY B 2 152 ? -15.572 -1.072  -1.222  1.00 0.00 ? 243 GLY B CA 1 
ATOM 235 C CA . ALA B 2 153 ? -18.698 -3.131  -1.241  1.00 0.00 ? 244 ALA B CA 1 
ATOM 236 C CA . THR B 2 154 ? -20.342 -0.414  -3.472  1.00 0.00 ? 245 THR B CA 1 
ATOM 237 C CA . THR B 2 155 ? -18.224 -0.411  -6.447  1.00 0.00 ? 246 THR B CA 1 
ATOM 238 C CA . ILE B 2 156 ? -16.612 -3.760  -6.110  1.00 0.00 ? 247 ILE B CA 1 
ATOM 239 C CA . TYR B 2 157 ? -17.471 -6.617  -3.881  1.00 0.00 ? 248 TYR B CA 1 
ATOM 240 C CA . PRO B 2 158 ? -17.347 -7.609  -0.334  1.00 0.00 ? 249 PRO B CA 1 
ATOM 241 C CA . ALA B 2 159 ? -13.871 -7.503  0.900   1.00 0.00 ? 250 ALA B CA 1 
ATOM 242 C CA . SER B 2 160 ? -13.268 -8.761  4.402   1.00 0.00 ? 251 SER B CA 1 
ATOM 243 C CA . GLY B 2 161 ? -9.977  -8.582  6.310   1.00 0.00 ? 252 GLY B CA 1 
ATOM 244 C CA . GLY B 2 162 ? -8.533  -5.520  4.594   1.00 0.00 ? 253 GLY B CA 1 
ATOM 245 C CA . SER B 2 163 ? -6.255  -2.587  5.491   1.00 0.00 ? 254 SER B CA 1 
ATOM 246 C CA . ASP B 2 164 ? -8.727  0.344   5.018   1.00 0.00 ? 255 ASP B CA 1 
ATOM 247 C CA . ASP B 2 165 ? -10.957 -1.585  7.390   1.00 0.00 ? 256 ASP B CA 1 
ATOM 248 C CA . TRP B 2 166 ? -8.699  -2.409  10.253  1.00 0.00 ? 257 TRP B CA 1 
ATOM 249 C CA . ALA B 2 167 ? -7.037  0.984   10.150  1.00 0.00 ? 258 ALA B CA 1 
ATOM 250 C CA . TYR B 2 168 ? -10.426 2.823   10.203  1.00 0.00 ? 259 TYR B CA 1 
ATOM 251 C CA . ASP B 2 169 ? -11.564 0.630   13.074  1.00 0.00 ? 260 ASP B CA 1 
ATOM 252 C CA . GLN B 2 170 ? -8.316  1.578   14.556  1.00 0.00 ? 261 GLN B CA 1 
ATOM 253 C CA . GLY B 2 171 ? -9.570  5.123   14.789  1.00 0.00 ? 262 GLY B CA 1 
ATOM 254 C CA . ILE B 2 172 ? -8.267  6.703   11.559  1.00 0.00 ? 263 ILE B CA 1 
ATOM 255 C CA . LYS B 2 173 ? -10.851 8.164   9.251   1.00 0.00 ? 264 LYS B CA 1 
ATOM 256 C CA . TYR B 2 174 ? -8.626  9.048   6.368   1.00 0.00 ? 265 TYR B CA 1 
ATOM 257 C CA . SER B 2 175 ? -8.331  5.463   5.238   1.00 0.00 ? 266 SER B CA 1 
ATOM 258 C CA . PHE B 2 176 ? -8.825  4.938   1.445   1.00 0.00 ? 267 PHE B CA 1 
ATOM 259 C CA . THR B 2 177 ? -7.393  2.396   -0.894  1.00 0.00 ? 268 THR B CA 1 
ATOM 260 C CA . PHE B 2 178 ? -6.158  3.283   -4.297  1.00 0.00 ? 269 PHE B CA 1 
ATOM 261 C CA . GLU B 2 179 ? -6.599  1.212   -7.349  1.00 0.00 ? 270 GLU B CA 1 
ATOM 262 C CA . LEU B 2 180 ? -4.141  2.787   -9.780  1.00 0.00 ? 271 LEU B CA 1 
ATOM 263 C CA . ARG B 2 181 ? -4.357  2.928   -13.690 1.00 0.00 ? 272 ARG B CA 1 
ATOM 264 C CA . ASP B 2 182 ? -5.583  0.511   -16.424 1.00 0.00 ? 273 ASP B CA 1 
ATOM 265 C CA . LYS B 2 183 ? -9.203  -0.834  -16.280 1.00 0.00 ? 274 LYS B CA 1 
ATOM 266 C CA . GLY B 2 184 ? -8.274  -4.149  -17.962 1.00 0.00 ? 275 GLY B CA 1 
ATOM 267 C CA . ARG B 2 185 ? -6.353  -2.898  -21.019 1.00 0.00 ? 276 ARG B CA 1 
ATOM 268 C CA . TYR B 2 186 ? -3.015  -3.761  -19.406 1.00 0.00 ? 277 TYR B CA 1 
ATOM 269 C CA . GLY B 2 187 ? -4.242  -4.423  -15.870 1.00 0.00 ? 278 GLY B CA 1 
ATOM 270 C CA . PHE B 2 188 ? -1.180  -5.660  -13.947 1.00 0.00 ? 279 PHE B CA 1 
ATOM 271 C CA . VAL B 2 189 ? 1.196   -5.300  -16.845 1.00 0.00 ? 280 VAL B CA 1 
ATOM 272 C CA . LEU B 2 190 ? 1.354   -1.472  -16.952 1.00 0.00 ? 281 LEU B CA 1 
ATOM 273 C CA . PRO B 2 191 ? 4.314   -0.307  -19.058 1.00 0.00 ? 282 PRO B CA 1 
ATOM 274 C CA . GLU B 2 192 ? 6.967   1.722   -17.348 1.00 0.00 ? 283 GLU B CA 1 
ATOM 275 C CA . SER B 2 193 ? 6.060   4.683   -19.303 1.00 0.00 ? 284 SER B CA 1 
ATOM 276 C CA . GLN B 2 194 ? 3.134   4.936   -17.562 1.00 0.00 ? 285 GLN B CA 1 
ATOM 277 C CA . ILE B 2 195 ? 4.832   5.275   -14.198 1.00 0.00 ? 286 ILE B CA 1 
ATOM 278 C CA . GLN B 2 196 ? 5.260   9.103   -14.351 1.00 0.00 ? 287 GLN B CA 1 
ATOM 279 C CA . PRO B 2 197 ? 1.712   9.999   -15.335 1.00 0.00 ? 288 PRO B CA 1 
ATOM 280 C CA . THR B 2 198 ? 0.287   7.346   -13.059 1.00 0.00 ? 289 THR B CA 1 
ATOM 281 C CA . CYS B 2 199 ? 2.557   8.714   -10.235 1.00 0.00 ? 290 CYS B CA 1 
ATOM 282 C CA . GLU B 2 200 ? 2.371   11.157  -11.358 1.00 0.00 ? 291 GLU B CA 1 
ATOM 283 C CA . GLU B 2 201 ? -0.879  9.915   -11.776 1.00 0.00 ? 292 GLU B CA 1 
ATOM 284 C CA . THR B 2 202 ? -2.376  9.459   -8.252  1.00 0.00 ? 293 THR B CA 1 
ATOM 285 C CA . MET B 2 203 ? 0.018   11.739  -6.612  1.00 0.00 ? 294 MET B CA 1 
ATOM 286 C CA . LEU B 2 204 ? 1.366   8.151   -9.424  1.00 0.00 ? 295 LEU B CA 1 
ATOM 287 C CA . ALA B 2 205 ? -3.277  9.701   -6.270  1.00 0.00 ? 296 ALA B CA 1 
ATOM 288 C CA . ILE B 2 206 ? -3.035  11.630  -2.025  1.00 0.00 ? 297 ILE B CA 1 
ATOM 289 C CA . LYS B 2 207 ? 1.437   9.333   -3.928  1.00 0.00 ? 298 LYS B CA 1 
ATOM 290 C CA . TYR B 2 208 ? -0.463  7.000   -5.069  1.00 0.00 ? 299 TYR B CA 1 
ATOM 291 C CA . VAL B 2 209 ? -3.962  9.360   -0.443  1.00 0.00 ? 300 VAL B CA 1 
ATOM 292 C CA . THR B 2 210 ? -0.606  10.103  1.248   1.00 0.00 ? 301 THR B CA 1 
ATOM 293 C CA . SER B 2 211 ? 2.317   6.508   -1.727  1.00 0.00 ? 302 SER B CA 1 
ATOM 294 C CA . TYR B 2 212 ? -1.178  6.272   0.419   1.00 0.00 ? 303 TYR B CA 1 
ATOM 295 C CA . VAL B 2 213 ? -2.360  9.160   5.131   1.00 0.00 ? 304 VAL B CA 1 
ATOM 296 C CA . LEU B 2 214 ? 2.413   8.184   4.380   1.00 0.00 ? 305 LEU B CA 1 
ATOM 297 C CA . GLU B 2 215 ? 2.317   5.168   2.564   1.00 0.00 ? 306 GLU B CA 1 
ATOM 298 C CA . HIS B 2 216 ? -1.867  7.036   6.635   1.00 0.00 ? 307 HIS B CA 1 
ATOM 299 C CA . LEU B 2 217 ? -3.301  10.637  9.242   1.00 0.00 ? 308 LEU B CA 1 
# 
